data_8IN9
#
_entry.id   8IN9
#
_cell.length_a   102.212
_cell.length_b   102.212
_cell.length_c   408.013
_cell.angle_alpha   90.000
_cell.angle_beta   90.000
_cell.angle_gamma   90.000
#
_symmetry.space_group_name_H-M   'I 41 2 2'
#
loop_
_entity.id
_entity.type
_entity.pdbx_description
1 polymer 'Polyketide synthase'
2 polymer 'Polyketide synthase'
3 non-polymer N-[2-(acetylamino)ethyl]-N~3~-[(2R)-2-hydroxy-3,3-dimethyl-4-(phosphonooxy)butanoyl]-beta-alaninamide
#
loop_
_entity_poly.entity_id
_entity_poly.type
_entity_poly.pdbx_seq_one_letter_code
_entity_poly.pdbx_strand_id
1 'polypeptide(L)'
;HMGRSQNSEFETASDEPIAVIGLSCRLPKASGPQELWQLLDDGASAVTRVPADRETPPSTEEESADGEAAGARWGGFLDR
VDTFDAGFFGISPREAAAMDPQQRLVLELSWEALEGAGLVPATLRDTGLGVFVGAARDDYATLYRRREGRAVDHHAMTGL
HRSLIANRISYALGAHGPSMVVDTGCSSSLVAVHLACESLRRGESDIALAGGVNLNIAAESARETAAFGGLSPDGQCFTF
DARANGFVRGEGGGLVVLKTLRRALADGDLVHGVILASAVNNDGPSDTLTTPSRRAQESLLTRVYRRAGVTPTEVGYVEL
HGTGTKVGDPIEAAALGAVLGTGRDTPLPVGSIKTNIGHLEGAAGIAGLIKALLQLRRRRLVPSLNFSTPNPDIPLDALN
LRVQQESAPWATPSGGGRTLVAGVSSFGMGGTNCHVVVSAAPVPEDGETTSEAGATGPDSGPALLPWVVSARSPQALRDQ
AGRLAAWADSPAGREASPVDIGWSLATSRTHFEYRAVVSGSDRDELVASLRALASGSPVTAAGAVDGGGRLGLVFSGQGS
QRAGMGRELYVAFPVFAEAFDEVCGVLDEVMGALPPSEGWAGSLREVMFEVSSDLLDETGFTQPALFAFEVALYRLLESW
GVAGEVVAGHSVGEIAAVHVAGVLSLADACALVAARGRLMQGLPSGGAMVAVEASEEEVTALLAGREGEVGIGAVNGPRS
VVVSGGVAVVEEVAAHFAGLGRRARRLKVSHAFHSPLMDPMLEDFGRVVAGLSFAVPELTVVSGLTGAVVSADELCSVGY
WVRHAREAVRFADAVGAMAGVGVGRFVEVGPGGVLSALVRECLAEGGAGSVVAAVRGNRAEPVALLSAVGELFADGYPVD
WTAYFAGWPAARVELPTYAFQRSRHWLENVPELAVS
;
A
2 'polypeptide(L)'
;HMPREPVTPDSDHPDPVETVRQLTAHVLGLTAAADVEMTRSFKDLGFDSLMSVELRDRLCAATGLSLATTLLYDHPSPAE
TAEFVRARLTGDEA
;
B
#
loop_
_chem_comp.id
_chem_comp.type
_chem_comp.name
_chem_comp.formula
9EF non-polymer N-[2-(acetylamino)ethyl]-N~3~-[(2R)-2-hydroxy-3,3-dimethyl-4-(phosphonooxy)butanoyl]-beta-alaninamide 'C13 H26 N3 O8 P'
#
# COMPACT_ATOMS: atom_id res chain seq x y z
N ALA A 13 25.13 22.01 -5.25
CA ALA A 13 24.45 21.39 -6.39
C ALA A 13 23.93 22.46 -7.33
N SER A 14 24.05 22.21 -8.64
CA SER A 14 23.60 23.18 -9.63
C SER A 14 22.09 23.33 -9.61
N ASP A 15 21.37 22.23 -9.84
CA ASP A 15 19.93 22.24 -9.98
C ASP A 15 19.27 21.63 -8.75
N GLU A 16 17.94 21.70 -8.72
CA GLU A 16 17.19 21.16 -7.60
C GLU A 16 17.50 19.69 -7.41
N PRO A 17 18.03 19.28 -6.26
CA PRO A 17 18.19 17.85 -6.00
C PRO A 17 16.84 17.14 -5.93
N ILE A 18 16.79 15.96 -6.53
CA ILE A 18 15.54 15.21 -6.67
C ILE A 18 15.55 14.08 -5.65
N ALA A 19 14.51 13.95 -4.87
CA ALA A 19 14.49 12.93 -3.84
C ALA A 19 13.82 11.66 -4.36
N VAL A 20 14.48 10.52 -4.14
CA VAL A 20 13.88 9.21 -4.33
C VAL A 20 13.20 8.79 -3.04
N ILE A 21 11.87 8.71 -3.08
CA ILE A 21 11.04 8.46 -1.91
C ILE A 21 10.44 7.06 -1.91
N GLY A 22 10.60 6.30 -2.98
CA GLY A 22 10.10 4.94 -3.01
C GLY A 22 10.55 4.25 -4.28
N LEU A 23 10.49 2.92 -4.24
CA LEU A 23 10.92 2.17 -5.42
C LEU A 23 10.27 0.79 -5.37
N SER A 24 10.28 0.13 -6.52
CA SER A 24 9.76 -1.22 -6.64
C SER A 24 10.52 -1.91 -7.76
N CYS A 25 10.50 -3.24 -7.75
CA CYS A 25 11.12 -3.94 -8.88
C CYS A 25 10.66 -5.38 -8.93
N ARG A 26 10.83 -5.97 -10.12
CA ARG A 26 10.85 -7.40 -10.33
C ARG A 26 12.15 -7.75 -11.02
N LEU A 27 12.90 -8.63 -10.39
CA LEU A 27 14.22 -9.01 -10.89
C LEU A 27 14.33 -10.51 -10.75
N PRO A 28 15.13 -11.15 -11.60
CA PRO A 28 15.36 -12.60 -11.45
C PRO A 28 15.69 -12.97 -10.01
N LYS A 29 14.89 -13.86 -9.43
CA LYS A 29 15.06 -14.32 -8.05
C LYS A 29 14.94 -13.17 -7.04
N ALA A 30 14.29 -12.06 -7.43
CA ALA A 30 14.06 -10.96 -6.50
C ALA A 30 12.68 -10.37 -6.79
N SER A 31 11.69 -10.70 -5.95
CA SER A 31 10.35 -10.20 -6.16
C SER A 31 10.16 -8.79 -5.63
N GLY A 32 11.14 -8.27 -4.89
CA GLY A 32 11.03 -6.94 -4.32
C GLY A 32 12.36 -6.45 -3.79
N PRO A 33 12.38 -5.24 -3.25
CA PRO A 33 13.64 -4.70 -2.71
C PRO A 33 14.23 -5.53 -1.59
N GLN A 34 13.39 -6.07 -0.70
CA GLN A 34 13.86 -6.99 0.32
C GLN A 34 14.61 -8.16 -0.30
N GLU A 35 13.93 -8.90 -1.17
CA GLU A 35 14.54 -10.07 -1.80
C GLU A 35 15.77 -9.68 -2.58
N LEU A 36 15.76 -8.49 -3.19
CA LEU A 36 16.91 -8.04 -3.97
C LEU A 36 18.12 -7.84 -3.07
N TRP A 37 17.94 -7.16 -1.94
CA TRP A 37 19.05 -7.02 -1.00
C TRP A 37 19.53 -8.38 -0.52
N GLN A 38 18.60 -9.32 -0.32
CA GLN A 38 18.98 -10.67 0.04
C GLN A 38 19.90 -11.28 -0.99
N LEU A 39 19.51 -11.23 -2.26
CA LEU A 39 20.30 -11.84 -3.32
C LEU A 39 21.66 -11.16 -3.45
N LEU A 40 21.67 -9.82 -3.43
CA LEU A 40 22.91 -9.09 -3.67
C LEU A 40 23.89 -9.27 -2.51
N ASP A 41 23.38 -9.25 -1.27
CA ASP A 41 24.24 -9.29 -0.09
C ASP A 41 24.85 -10.69 0.09
N ASP A 42 24.05 -11.73 -0.18
CA ASP A 42 24.55 -13.09 -0.21
C ASP A 42 25.51 -13.33 -1.36
N GLY A 43 25.63 -12.39 -2.29
CA GLY A 43 26.44 -12.63 -3.47
C GLY A 43 25.96 -13.82 -4.25
N ALA A 44 24.64 -13.94 -4.41
CA ALA A 44 24.03 -15.04 -5.12
C ALA A 44 23.75 -14.63 -6.56
N SER A 45 23.78 -15.60 -7.46
CA SER A 45 23.55 -15.36 -8.86
C SER A 45 22.16 -15.90 -9.22
N ALA A 46 21.38 -15.08 -9.92
CA ALA A 46 20.05 -15.44 -10.36
C ALA A 46 20.04 -16.04 -11.76
N VAL A 47 21.20 -16.10 -12.42
CA VAL A 47 21.31 -16.59 -13.79
C VAL A 47 21.10 -18.11 -13.80
N THR A 48 20.17 -18.57 -14.63
CA THR A 48 19.89 -19.99 -14.76
C THR A 48 19.69 -20.33 -16.23
N ARG A 49 19.53 -21.62 -16.51
CA ARG A 49 19.16 -22.02 -17.85
C ARG A 49 17.75 -21.55 -18.16
N VAL A 50 17.41 -21.54 -19.45
CA VAL A 50 16.09 -21.11 -19.89
C VAL A 50 15.05 -22.08 -19.35
N PRO A 51 14.12 -21.61 -18.52
CA PRO A 51 13.10 -22.51 -17.96
C PRO A 51 12.34 -23.26 -19.04
N ALA A 52 11.86 -24.45 -18.70
CA ALA A 52 11.23 -25.33 -19.67
C ALA A 52 10.05 -24.65 -20.36
N ASP A 53 9.24 -23.90 -19.60
CA ASP A 53 8.05 -23.28 -20.16
C ASP A 53 8.34 -22.11 -21.09
N ARG A 54 9.60 -21.75 -21.29
CA ARG A 54 9.98 -20.71 -22.25
C ARG A 54 10.35 -21.38 -23.57
N GLU A 55 10.89 -20.61 -24.51
CA GLU A 55 11.19 -21.12 -25.85
C GLU A 55 12.58 -20.69 -26.28
N THR A 56 13.14 -21.46 -27.22
CA THR A 56 14.47 -21.19 -27.75
C THR A 56 14.55 -21.64 -29.20
N ALA A 72 23.13 -18.21 -25.24
CA ALA A 72 21.74 -18.08 -25.68
C ALA A 72 20.82 -18.94 -24.83
N ARG A 73 21.36 -20.03 -24.30
CA ARG A 73 20.62 -20.99 -23.49
C ARG A 73 20.67 -20.67 -22.01
N TRP A 74 21.17 -19.49 -21.64
CA TRP A 74 21.23 -19.04 -20.26
C TRP A 74 20.55 -17.68 -20.18
N GLY A 75 20.22 -17.27 -18.97
CA GLY A 75 19.64 -15.97 -18.77
C GLY A 75 19.17 -15.77 -17.35
N GLY A 76 18.91 -14.51 -17.00
CA GLY A 76 18.32 -14.18 -15.73
C GLY A 76 16.83 -13.99 -15.89
N PHE A 77 16.04 -14.93 -15.39
CA PHE A 77 14.62 -14.97 -15.69
C PHE A 77 13.80 -14.83 -14.42
N LEU A 78 12.69 -14.10 -14.52
CA LEU A 78 11.72 -14.06 -13.43
C LEU A 78 11.09 -15.44 -13.26
N ASP A 79 10.38 -15.61 -12.14
CA ASP A 79 9.69 -16.87 -11.91
C ASP A 79 8.64 -17.12 -12.99
N ARG A 80 7.76 -16.15 -13.25
CA ARG A 80 6.80 -16.30 -14.33
C ARG A 80 6.27 -14.91 -14.70
N VAL A 81 5.86 -14.79 -15.96
CA VAL A 81 5.42 -13.53 -16.53
C VAL A 81 3.94 -13.55 -16.95
N ASP A 82 3.29 -14.71 -16.92
CA ASP A 82 1.89 -14.85 -17.33
C ASP A 82 0.89 -14.47 -16.25
N THR A 83 1.32 -14.31 -14.99
CA THR A 83 0.39 -14.02 -13.90
C THR A 83 0.16 -12.53 -13.76
N PHE A 84 -1.06 -12.17 -13.40
CA PHE A 84 -1.45 -10.76 -13.29
C PHE A 84 -2.82 -10.70 -12.63
N ASP A 85 -3.00 -9.75 -11.71
CA ASP A 85 -4.31 -9.55 -11.09
C ASP A 85 -5.09 -8.54 -11.93
N ALA A 86 -5.87 -9.08 -12.88
CA ALA A 86 -6.62 -8.23 -13.78
C ALA A 86 -7.79 -7.56 -13.09
N GLY A 87 -8.32 -8.17 -12.02
CA GLY A 87 -9.42 -7.56 -11.31
C GLY A 87 -9.01 -6.35 -10.51
N PHE A 88 -7.79 -6.36 -9.96
CA PHE A 88 -7.33 -5.26 -9.12
C PHE A 88 -7.38 -3.94 -9.89
N PHE A 89 -6.92 -3.96 -11.15
CA PHE A 89 -6.78 -2.77 -11.97
C PHE A 89 -7.95 -2.58 -12.92
N GLY A 90 -9.01 -3.37 -12.76
CA GLY A 90 -10.18 -3.26 -13.61
C GLY A 90 -9.96 -3.68 -15.04
N ILE A 91 -9.29 -4.81 -15.23
CA ILE A 91 -8.93 -5.30 -16.56
C ILE A 91 -9.67 -6.62 -16.79
N SER A 92 -10.36 -6.71 -17.93
CA SER A 92 -10.98 -7.97 -18.29
C SER A 92 -9.91 -9.02 -18.60
N PRO A 93 -10.24 -10.30 -18.45
CA PRO A 93 -9.31 -11.32 -18.95
C PRO A 93 -9.06 -11.21 -20.45
N ARG A 94 -10.10 -10.82 -21.21
CA ARG A 94 -9.93 -10.56 -22.64
C ARG A 94 -8.80 -9.57 -22.89
N GLU A 95 -8.87 -8.40 -22.26
CA GLU A 95 -7.87 -7.36 -22.49
C GLU A 95 -6.53 -7.75 -21.90
N ALA A 96 -6.54 -8.44 -20.76
CA ALA A 96 -5.27 -8.86 -20.16
C ALA A 96 -4.54 -9.84 -21.06
N ALA A 97 -5.26 -10.74 -21.72
CA ALA A 97 -4.63 -11.75 -22.56
C ALA A 97 -3.91 -11.14 -23.75
N ALA A 98 -4.48 -10.10 -24.35
CA ALA A 98 -3.86 -9.38 -25.45
C ALA A 98 -2.94 -8.27 -24.97
N MET A 99 -2.67 -8.19 -23.66
CA MET A 99 -1.84 -7.15 -23.08
C MET A 99 -0.39 -7.59 -22.92
N ASP A 100 0.53 -6.71 -23.31
CA ASP A 100 1.95 -6.94 -23.08
C ASP A 100 2.21 -7.20 -21.60
N PRO A 101 2.86 -8.30 -21.25
CA PRO A 101 3.23 -8.52 -19.85
C PRO A 101 4.10 -7.39 -19.31
N GLN A 102 4.75 -6.64 -20.20
CA GLN A 102 5.49 -5.48 -19.75
C GLN A 102 4.54 -4.40 -19.23
N GLN A 103 3.39 -4.23 -19.89
CA GLN A 103 2.39 -3.25 -19.43
C GLN A 103 1.80 -3.65 -18.08
N ARG A 104 1.39 -4.92 -17.97
CA ARG A 104 0.94 -5.49 -16.70
C ARG A 104 1.96 -5.26 -15.59
N LEU A 105 3.19 -5.72 -15.82
CA LEU A 105 4.22 -5.63 -14.80
C LEU A 105 4.45 -4.18 -14.37
N VAL A 106 4.49 -3.25 -15.33
CA VAL A 106 4.69 -1.87 -14.94
C VAL A 106 3.52 -1.37 -14.09
N LEU A 107 2.29 -1.83 -14.38
CA LEU A 107 1.17 -1.48 -13.51
C LEU A 107 1.44 -1.93 -12.08
N GLU A 108 1.78 -3.21 -11.91
CA GLU A 108 2.08 -3.75 -10.59
C GLU A 108 3.18 -2.94 -9.92
N LEU A 109 4.20 -2.59 -10.70
CA LEU A 109 5.36 -1.90 -10.17
C LEU A 109 5.00 -0.47 -9.78
N SER A 110 4.06 0.15 -10.49
CA SER A 110 3.63 1.51 -10.15
C SER A 110 2.89 1.53 -8.82
N TRP A 111 1.90 0.64 -8.68
CA TRP A 111 1.19 0.57 -7.40
C TRP A 111 2.15 0.28 -6.26
N GLU A 112 3.06 -0.68 -6.48
CA GLU A 112 4.02 -1.06 -5.45
C GLU A 112 4.96 0.09 -5.12
N ALA A 113 5.39 0.86 -6.12
CA ALA A 113 6.32 1.95 -5.88
C ALA A 113 5.64 3.05 -5.08
N LEU A 114 4.40 3.39 -5.41
CA LEU A 114 3.69 4.40 -4.65
C LEU A 114 3.46 3.94 -3.21
N GLU A 115 3.04 2.70 -3.02
CA GLU A 115 2.81 2.20 -1.68
C GLU A 115 4.09 2.21 -0.87
N GLY A 116 5.21 1.84 -1.50
CA GLY A 116 6.49 1.90 -0.83
C GLY A 116 6.90 3.32 -0.49
N ALA A 117 6.51 4.28 -1.32
CA ALA A 117 6.74 5.68 -1.00
C ALA A 117 5.87 6.18 0.13
N GLY A 118 4.84 5.41 0.49
CA GLY A 118 3.92 5.81 1.54
C GLY A 118 2.69 6.56 1.05
N LEU A 119 2.56 6.78 -0.25
CA LEU A 119 1.49 7.59 -0.80
C LEU A 119 0.27 6.74 -1.09
N VAL A 120 -0.90 7.32 -0.89
CA VAL A 120 -2.17 6.67 -1.18
C VAL A 120 -2.53 7.00 -2.66
N PRO A 121 -2.54 6.03 -3.55
CA PRO A 121 -2.78 6.34 -4.96
C PRO A 121 -4.05 7.14 -5.24
N ALA A 122 -5.10 6.97 -4.46
CA ALA A 122 -6.33 7.73 -4.68
C ALA A 122 -6.00 9.22 -4.68
N THR A 123 -5.07 9.64 -3.83
CA THR A 123 -4.72 11.05 -3.70
C THR A 123 -4.01 11.61 -4.93
N LEU A 124 -3.36 10.77 -5.73
CA LEU A 124 -2.68 11.30 -6.91
C LEU A 124 -3.62 11.44 -8.10
N ARG A 125 -4.89 11.12 -7.93
CA ARG A 125 -5.85 11.29 -9.01
C ARG A 125 -5.96 12.77 -9.38
N ASP A 126 -5.98 13.04 -10.68
CA ASP A 126 -6.12 14.39 -11.23
C ASP A 126 -4.99 15.32 -10.84
N THR A 127 -3.85 14.76 -10.45
CA THR A 127 -2.66 15.55 -10.17
C THR A 127 -1.71 15.50 -11.37
N GLY A 128 -0.59 16.20 -11.23
CA GLY A 128 0.36 16.31 -12.33
C GLY A 128 1.46 15.26 -12.30
N LEU A 129 1.10 14.03 -11.92
CA LEU A 129 2.06 12.95 -11.84
C LEU A 129 2.59 12.57 -13.22
N GLY A 130 3.92 12.51 -13.34
CA GLY A 130 4.58 12.14 -14.58
C GLY A 130 5.06 10.70 -14.57
N VAL A 131 5.07 10.09 -15.75
CA VAL A 131 5.40 8.68 -15.92
C VAL A 131 6.44 8.58 -17.03
N PHE A 132 7.61 8.04 -16.71
CA PHE A 132 8.69 7.94 -17.68
C PHE A 132 9.26 6.53 -17.61
N VAL A 133 9.04 5.76 -18.68
CA VAL A 133 9.37 4.34 -18.74
C VAL A 133 10.30 4.11 -19.91
N GLY A 134 11.35 3.32 -19.68
CA GLY A 134 12.23 2.91 -20.74
C GLY A 134 11.95 1.46 -21.16
N ALA A 135 11.63 1.30 -22.43
CA ALA A 135 11.45 -0.04 -22.98
C ALA A 135 11.93 -0.05 -24.42
N ALA A 136 12.50 -1.19 -24.86
CA ALA A 136 13.04 -1.27 -26.20
C ALA A 136 12.81 -2.63 -26.86
N ARG A 137 12.00 -3.50 -26.28
CA ARG A 137 11.76 -4.82 -26.84
C ARG A 137 10.27 -5.11 -26.85
N ASP A 138 9.77 -5.62 -27.98
CA ASP A 138 8.34 -5.90 -28.09
C ASP A 138 8.12 -7.38 -28.40
N ASP A 139 8.56 -8.26 -27.50
CA ASP A 139 8.49 -9.70 -27.74
C ASP A 139 7.05 -10.20 -27.83
N TYR A 140 6.17 -9.71 -26.95
CA TYR A 140 4.78 -10.16 -26.97
C TYR A 140 4.10 -9.83 -28.30
N ALA A 141 4.34 -8.62 -28.80
CA ALA A 141 3.78 -8.23 -30.08
C ALA A 141 4.27 -9.11 -31.20
N THR A 142 5.56 -9.48 -31.17
CA THR A 142 6.09 -10.41 -32.16
C THR A 142 5.34 -11.73 -32.11
N LEU A 143 5.19 -12.28 -30.90
CA LEU A 143 4.42 -13.51 -30.73
C LEU A 143 3.04 -13.38 -31.35
N TYR A 144 2.35 -12.29 -31.03
CA TYR A 144 1.00 -12.10 -31.52
C TYR A 144 0.97 -12.08 -33.03
N ARG A 145 1.95 -11.41 -33.65
CA ARG A 145 1.90 -11.23 -35.09
C ARG A 145 2.33 -12.49 -35.85
N ARG A 146 3.17 -13.33 -35.24
CA ARG A 146 3.53 -14.55 -35.96
C ARG A 146 2.41 -15.58 -36.00
N ARG A 147 1.25 -15.29 -35.42
CA ARG A 147 0.06 -16.13 -35.56
C ARG A 147 -1.14 -15.27 -35.97
N VAL A 152 -7.79 -11.15 -35.34
CA VAL A 152 -7.29 -10.08 -34.49
C VAL A 152 -8.44 -9.22 -33.98
N ASP A 153 -8.39 -8.87 -32.70
CA ASP A 153 -9.48 -8.15 -32.04
C ASP A 153 -9.03 -6.74 -31.69
N HIS A 154 -9.97 -5.96 -31.13
CA HIS A 154 -9.71 -4.54 -30.93
C HIS A 154 -8.77 -4.26 -29.77
N HIS A 155 -8.47 -5.25 -28.94
CA HIS A 155 -7.58 -4.99 -27.83
C HIS A 155 -6.12 -5.03 -28.24
N ALA A 156 -5.80 -5.81 -29.29
CA ALA A 156 -4.41 -5.95 -29.71
C ALA A 156 -3.76 -4.60 -29.93
N MET A 157 -4.50 -3.64 -30.50
CA MET A 157 -3.97 -2.31 -30.72
C MET A 157 -3.40 -1.72 -29.44
N THR A 158 -4.17 -1.75 -28.36
CA THR A 158 -3.66 -1.15 -27.13
C THR A 158 -2.74 -2.11 -26.40
N GLY A 159 -3.02 -3.41 -26.48
CA GLY A 159 -2.26 -4.37 -25.71
C GLY A 159 -0.85 -4.57 -26.20
N LEU A 160 -0.58 -4.27 -27.48
CA LEU A 160 0.72 -4.49 -28.08
C LEU A 160 1.48 -3.22 -28.36
N HIS A 161 0.87 -2.05 -28.21
CA HIS A 161 1.54 -0.80 -28.55
C HIS A 161 2.43 -0.36 -27.40
N ARG A 162 3.68 0.02 -27.71
CA ARG A 162 4.67 0.28 -26.65
C ARG A 162 4.27 1.48 -25.81
N SER A 163 3.68 2.50 -26.45
CA SER A 163 3.47 3.78 -25.77
C SER A 163 2.64 3.59 -24.51
N LEU A 164 1.79 2.57 -24.49
CA LEU A 164 0.87 2.33 -23.39
C LEU A 164 1.56 1.79 -22.15
N ILE A 165 2.81 1.34 -22.25
CA ILE A 165 3.52 0.92 -21.05
C ILE A 165 3.55 2.04 -20.03
N ALA A 166 3.81 3.28 -20.47
CA ALA A 166 3.66 4.40 -19.55
C ALA A 166 2.24 4.96 -19.53
N ASN A 167 1.63 5.12 -20.70
CA ASN A 167 0.32 5.79 -20.79
C ASN A 167 -0.74 5.08 -19.94
N ARG A 168 -0.79 3.74 -20.00
CA ARG A 168 -1.73 2.98 -19.17
C ARG A 168 -1.61 3.39 -17.71
N ILE A 169 -0.39 3.48 -17.18
CA ILE A 169 -0.24 3.90 -15.78
C ILE A 169 -0.94 5.24 -15.58
N SER A 170 -0.65 6.20 -16.46
CA SER A 170 -1.24 7.52 -16.29
C SER A 170 -2.75 7.47 -16.30
N TYR A 171 -3.34 6.51 -17.01
CA TYR A 171 -4.79 6.45 -17.05
C TYR A 171 -5.35 5.80 -15.81
N ALA A 172 -4.65 4.82 -15.23
CA ALA A 172 -5.21 4.15 -14.06
C ALA A 172 -5.07 4.99 -12.81
N LEU A 173 -3.99 5.76 -12.70
CA LEU A 173 -3.80 6.69 -11.60
C LEU A 173 -4.48 8.03 -11.82
N GLY A 174 -4.93 8.31 -13.04
CA GLY A 174 -5.50 9.61 -13.35
C GLY A 174 -4.51 10.75 -13.32
N ALA A 175 -3.31 10.53 -13.86
CA ALA A 175 -2.24 11.53 -13.83
C ALA A 175 -2.30 12.43 -15.06
N HIS A 176 -2.18 13.74 -14.85
CA HIS A 176 -2.13 14.70 -15.95
C HIS A 176 -0.72 15.12 -16.34
N GLY A 177 0.31 14.58 -15.69
CA GLY A 177 1.67 14.86 -16.06
C GLY A 177 2.09 14.09 -17.31
N PRO A 178 3.27 14.42 -17.85
CA PRO A 178 3.66 13.84 -19.14
C PRO A 178 3.92 12.33 -19.02
N SER A 179 3.47 11.60 -20.02
CA SER A 179 3.53 10.14 -20.04
C SER A 179 4.22 9.69 -21.31
N MET A 180 5.39 9.08 -21.18
CA MET A 180 6.15 8.77 -22.39
C MET A 180 7.06 7.57 -22.17
N VAL A 181 7.38 6.94 -23.29
CA VAL A 181 8.27 5.79 -23.35
C VAL A 181 9.46 6.19 -24.20
N VAL A 182 10.66 5.83 -23.75
CA VAL A 182 11.89 6.27 -24.40
C VAL A 182 12.74 5.05 -24.75
N ASP A 183 13.33 5.08 -25.96
CA ASP A 183 14.13 3.97 -26.47
C ASP A 183 15.47 4.52 -26.92
N THR A 184 16.49 4.37 -26.06
CA THR A 184 17.87 4.64 -26.42
C THR A 184 18.69 3.35 -26.42
N GLY A 185 18.04 2.20 -26.53
CA GLY A 185 18.73 0.96 -26.40
C GLY A 185 18.92 0.57 -24.95
N CYS A 186 20.04 -0.08 -24.65
CA CYS A 186 20.28 -0.58 -23.30
C CYS A 186 20.28 0.56 -22.28
N SER A 187 20.61 1.77 -22.69
CA SER A 187 20.64 2.88 -21.77
C SER A 187 19.29 3.52 -21.50
N SER A 188 18.19 2.94 -22.01
CA SER A 188 16.88 3.60 -21.95
C SER A 188 16.49 3.97 -20.53
N SER A 189 16.34 2.96 -19.66
CA SER A 189 15.78 3.17 -18.33
C SER A 189 16.48 4.31 -17.60
N LEU A 190 17.81 4.38 -17.68
CA LEU A 190 18.53 5.44 -16.98
C LEU A 190 18.19 6.80 -17.57
N VAL A 191 18.19 6.92 -18.89
CA VAL A 191 17.76 8.13 -19.58
C VAL A 191 16.39 8.53 -19.05
N ALA A 192 15.50 7.55 -18.88
CA ALA A 192 14.16 7.85 -18.42
C ALA A 192 14.20 8.63 -17.11
N VAL A 193 15.01 8.15 -16.17
CA VAL A 193 15.12 8.84 -14.88
C VAL A 193 15.60 10.27 -15.09
N HIS A 194 16.61 10.43 -15.94
CA HIS A 194 17.07 11.75 -16.33
C HIS A 194 15.90 12.61 -16.76
N LEU A 195 15.15 12.14 -17.75
CA LEU A 195 14.01 12.91 -18.25
C LEU A 195 13.02 13.19 -17.14
N ALA A 196 12.83 12.24 -16.23
CA ALA A 196 11.93 12.48 -15.10
C ALA A 196 12.46 13.63 -14.26
N CYS A 197 13.75 13.56 -13.92
CA CYS A 197 14.38 14.58 -13.08
C CYS A 197 14.19 15.97 -13.67
N GLU A 198 14.57 16.14 -14.93
CA GLU A 198 14.40 17.44 -15.60
C GLU A 198 12.95 17.87 -15.55
N SER A 199 12.02 16.94 -15.81
CA SER A 199 10.61 17.31 -15.81
C SER A 199 10.17 17.79 -14.45
N LEU A 200 10.77 17.27 -13.37
CA LEU A 200 10.47 17.77 -12.04
C LEU A 200 11.07 19.14 -11.82
N ARG A 201 12.31 19.34 -12.29
CA ARG A 201 12.98 20.60 -12.02
C ARG A 201 12.30 21.78 -12.71
N ARG A 202 11.60 21.51 -13.82
CA ARG A 202 10.90 22.55 -14.54
C ARG A 202 9.49 22.82 -14.02
N GLY A 203 8.97 21.98 -13.13
CA GLY A 203 7.60 22.13 -12.70
C GLY A 203 6.57 21.51 -13.62
N GLU A 204 7.01 20.85 -14.69
CA GLU A 204 6.08 20.13 -15.54
C GLU A 204 5.37 19.02 -14.78
N SER A 205 6.04 18.43 -13.80
CA SER A 205 5.45 17.39 -12.98
C SER A 205 5.86 17.63 -11.53
N ASP A 206 4.96 17.30 -10.61
CA ASP A 206 5.25 17.46 -9.18
C ASP A 206 5.73 16.17 -8.53
N ILE A 207 5.24 15.02 -9.00
CA ILE A 207 5.77 13.72 -8.63
C ILE A 207 5.99 12.94 -9.92
N ALA A 208 6.97 12.05 -9.90
CA ALA A 208 7.26 11.27 -11.09
C ALA A 208 7.58 9.82 -10.74
N LEU A 209 7.15 8.91 -11.59
CA LEU A 209 7.56 7.51 -11.53
C LEU A 209 8.46 7.25 -12.73
N ALA A 210 9.63 6.70 -12.48
CA ALA A 210 10.65 6.57 -13.51
C ALA A 210 11.31 5.21 -13.44
N GLY A 211 11.56 4.62 -14.60
CA GLY A 211 12.15 3.29 -14.57
C GLY A 211 12.14 2.61 -15.92
N GLY A 212 11.90 1.32 -15.92
CA GLY A 212 11.88 0.62 -17.20
C GLY A 212 11.51 -0.83 -17.05
N VAL A 213 11.44 -1.49 -18.20
CA VAL A 213 10.96 -2.87 -18.25
C VAL A 213 11.55 -3.57 -19.47
N ASN A 214 11.87 -4.86 -19.31
CA ASN A 214 12.38 -5.67 -20.42
C ASN A 214 12.06 -7.13 -20.14
N LEU A 215 11.37 -7.79 -21.05
CA LEU A 215 10.94 -9.18 -20.84
C LEU A 215 11.31 -10.03 -22.04
N ASN A 216 12.07 -11.09 -21.79
CA ASN A 216 12.65 -11.88 -22.89
C ASN A 216 11.80 -13.13 -23.07
N ILE A 217 10.64 -12.95 -23.71
CA ILE A 217 9.68 -14.03 -23.86
C ILE A 217 9.64 -14.59 -25.27
N ALA A 218 10.45 -14.05 -26.20
CA ALA A 218 10.45 -14.50 -27.58
C ALA A 218 11.85 -14.93 -27.99
N ALA A 219 11.91 -16.06 -28.70
CA ALA A 219 13.19 -16.61 -29.14
C ALA A 219 13.78 -15.84 -30.31
N GLU A 220 12.98 -15.03 -30.99
CA GLU A 220 13.47 -14.32 -32.17
C GLU A 220 14.40 -13.16 -31.77
N SER A 221 14.04 -12.43 -30.71
CA SER A 221 14.94 -11.41 -30.18
C SER A 221 16.23 -12.03 -29.66
N ALA A 222 16.12 -13.17 -28.96
CA ALA A 222 17.30 -13.89 -28.51
C ALA A 222 18.19 -14.26 -29.69
N ARG A 223 17.61 -14.83 -30.75
CA ARG A 223 18.40 -15.19 -31.93
C ARG A 223 19.07 -13.97 -32.54
N GLU A 224 18.37 -12.83 -32.60
CA GLU A 224 18.99 -11.66 -33.22
C GLU A 224 20.17 -11.15 -32.41
N THR A 225 19.98 -10.96 -31.10
CA THR A 225 21.09 -10.51 -30.26
C THR A 225 22.22 -11.54 -30.23
N ALA A 226 21.89 -12.82 -30.42
CA ALA A 226 22.92 -13.85 -30.45
C ALA A 226 23.72 -13.78 -31.75
N ALA A 227 23.03 -13.64 -32.88
CA ALA A 227 23.71 -13.48 -34.15
C ALA A 227 24.57 -12.22 -34.19
N PHE A 228 24.26 -11.23 -33.35
CA PHE A 228 25.15 -10.08 -33.25
C PHE A 228 26.50 -10.43 -32.63
N GLY A 229 26.62 -11.58 -31.97
CA GLY A 229 27.85 -12.01 -31.35
C GLY A 229 28.12 -11.44 -29.98
N GLY A 230 27.22 -10.63 -29.43
CA GLY A 230 27.50 -10.00 -28.15
C GLY A 230 27.27 -10.88 -26.94
N LEU A 231 26.83 -12.12 -27.14
CA LEU A 231 26.37 -12.97 -26.06
C LEU A 231 27.49 -13.85 -25.53
N SER A 232 27.60 -13.90 -24.21
CA SER A 232 28.59 -14.75 -23.55
C SER A 232 28.25 -16.22 -23.77
N PRO A 233 29.19 -17.04 -24.25
CA PRO A 233 28.89 -18.47 -24.42
C PRO A 233 28.75 -19.18 -23.09
N ASP A 234 29.35 -18.63 -22.04
CA ASP A 234 29.27 -19.21 -20.71
C ASP A 234 28.11 -18.63 -19.90
N GLY A 235 27.37 -17.68 -20.46
CA GLY A 235 26.18 -17.18 -19.80
C GLY A 235 26.47 -16.43 -18.52
N GLN A 236 27.59 -15.72 -18.47
CA GLN A 236 27.87 -14.86 -17.32
C GLN A 236 28.52 -13.57 -17.82
N CYS A 237 28.28 -12.49 -17.08
CA CYS A 237 28.87 -11.19 -17.37
C CYS A 237 30.10 -11.05 -16.50
N PHE A 238 31.27 -11.33 -17.07
CA PHE A 238 32.54 -11.27 -16.35
C PHE A 238 33.04 -9.83 -16.35
N THR A 239 32.28 -8.98 -15.68
CA THR A 239 32.56 -7.56 -15.66
C THR A 239 33.97 -7.28 -15.17
N PHE A 240 34.77 -6.70 -16.07
CA PHE A 240 36.15 -6.29 -15.79
C PHE A 240 37.06 -7.48 -15.52
N ASP A 241 36.54 -8.69 -15.65
CA ASP A 241 37.36 -9.87 -15.46
C ASP A 241 37.97 -10.28 -16.80
N ALA A 242 39.17 -10.84 -16.73
CA ALA A 242 39.86 -11.27 -17.94
C ALA A 242 39.06 -12.29 -18.74
N ARG A 243 38.10 -12.96 -18.12
CA ARG A 243 37.26 -13.92 -18.84
C ARG A 243 36.22 -13.26 -19.71
N ALA A 244 36.04 -11.94 -19.61
CA ALA A 244 34.96 -11.19 -20.27
C ALA A 244 34.77 -11.63 -21.71
N ASN A 245 33.65 -12.31 -22.01
CA ASN A 245 33.41 -12.74 -23.38
C ASN A 245 31.98 -12.43 -23.83
N GLY A 246 31.32 -11.45 -23.23
CA GLY A 246 29.98 -11.08 -23.61
C GLY A 246 29.07 -11.01 -22.41
N PHE A 247 27.81 -10.66 -22.67
CA PHE A 247 26.84 -10.56 -21.61
C PHE A 247 25.87 -11.74 -21.68
N VAL A 248 25.18 -11.98 -20.57
CA VAL A 248 24.08 -12.94 -20.50
C VAL A 248 22.80 -12.15 -20.35
N ARG A 249 21.75 -12.61 -21.01
CA ARG A 249 20.50 -11.87 -21.03
C ARG A 249 19.83 -11.90 -19.66
N GLY A 250 19.11 -10.82 -19.35
CA GLY A 250 18.27 -10.79 -18.18
C GLY A 250 16.95 -10.12 -18.52
N GLU A 251 15.99 -10.26 -17.60
CA GLU A 251 14.70 -9.62 -17.75
C GLU A 251 14.25 -9.07 -16.40
N GLY A 252 13.34 -8.12 -16.44
CA GLY A 252 12.76 -7.58 -15.24
C GLY A 252 12.22 -6.19 -15.47
N GLY A 253 12.17 -5.44 -14.38
CA GLY A 253 11.57 -4.12 -14.41
C GLY A 253 11.76 -3.42 -13.10
N GLY A 254 11.65 -2.10 -13.13
CA GLY A 254 11.90 -1.34 -11.93
C GLY A 254 11.42 0.09 -12.00
N LEU A 255 10.96 0.60 -10.86
CA LEU A 255 10.42 1.95 -10.77
C LEU A 255 10.99 2.66 -9.55
N VAL A 256 11.08 3.98 -9.67
CA VAL A 256 11.43 4.87 -8.57
C VAL A 256 10.47 6.04 -8.57
N VAL A 257 9.98 6.40 -7.38
CA VAL A 257 9.16 7.59 -7.17
C VAL A 257 10.09 8.76 -6.86
N LEU A 258 9.86 9.89 -7.52
CA LEU A 258 10.76 11.02 -7.47
C LEU A 258 9.97 12.27 -7.13
N LYS A 259 10.49 13.03 -6.18
CA LYS A 259 10.00 14.34 -5.80
C LYS A 259 11.20 15.26 -5.68
N THR A 260 10.97 16.56 -5.81
CA THR A 260 12.03 17.50 -5.51
C THR A 260 12.39 17.40 -4.03
N LEU A 261 13.68 17.54 -3.73
CA LEU A 261 14.12 17.48 -2.34
C LEU A 261 13.33 18.45 -1.46
N ARG A 262 13.09 19.66 -1.97
CA ARG A 262 12.25 20.62 -1.26
C ARG A 262 10.88 20.02 -0.96
N ARG A 263 10.18 19.59 -2.00
CA ARG A 263 8.83 19.07 -1.85
C ARG A 263 8.81 17.83 -0.96
N ALA A 264 9.79 16.94 -1.15
CA ALA A 264 9.82 15.71 -0.35
C ALA A 264 10.02 16.01 1.12
N LEU A 265 11.02 16.84 1.45
CA LEU A 265 11.24 17.21 2.85
C LEU A 265 10.03 17.92 3.44
N ALA A 266 9.40 18.80 2.65
CA ALA A 266 8.24 19.52 3.14
C ALA A 266 7.11 18.55 3.47
N ASP A 267 6.83 17.60 2.57
CA ASP A 267 5.73 16.66 2.75
C ASP A 267 6.03 15.57 3.77
N GLY A 268 7.25 15.50 4.29
CA GLY A 268 7.59 14.47 5.26
C GLY A 268 7.51 13.07 4.68
N ASP A 269 8.25 12.82 3.60
CA ASP A 269 8.27 11.53 2.94
C ASP A 269 9.53 10.76 3.31
N LEU A 270 9.49 9.45 3.11
CA LEU A 270 10.63 8.58 3.37
C LEU A 270 11.61 8.69 2.22
N VAL A 271 12.74 9.37 2.44
CA VAL A 271 13.73 9.59 1.40
C VAL A 271 14.64 8.36 1.30
N HIS A 272 14.60 7.71 0.16
CA HIS A 272 15.51 6.60 -0.09
C HIS A 272 16.81 7.06 -0.74
N GLY A 273 16.82 8.25 -1.32
CA GLY A 273 18.07 8.83 -1.82
C GLY A 273 17.82 10.20 -2.40
N VAL A 274 18.92 10.83 -2.87
CA VAL A 274 18.78 12.12 -3.55
C VAL A 274 19.67 12.12 -4.79
N ILE A 275 19.07 12.34 -5.95
CA ILE A 275 19.83 12.56 -7.18
C ILE A 275 20.30 14.00 -7.25
N LEU A 276 21.63 14.18 -7.32
CA LEU A 276 22.25 15.50 -7.35
C LEU A 276 22.41 16.03 -8.76
N ALA A 277 22.64 15.15 -9.73
CA ALA A 277 22.74 15.55 -11.13
C ALA A 277 22.64 14.32 -12.00
N SER A 278 22.26 14.55 -13.25
CA SER A 278 22.14 13.50 -14.26
C SER A 278 22.46 14.12 -15.60
N ALA A 279 22.99 13.33 -16.52
CA ALA A 279 23.28 13.85 -17.85
C ALA A 279 23.26 12.71 -18.86
N VAL A 280 23.05 13.07 -20.12
CA VAL A 280 23.02 12.12 -21.23
C VAL A 280 23.72 12.73 -22.42
N ASN A 281 24.50 11.92 -23.13
CA ASN A 281 25.18 12.35 -24.35
C ASN A 281 25.22 11.16 -25.31
N ASN A 282 25.93 11.33 -26.43
CA ASN A 282 26.14 10.25 -27.39
C ASN A 282 27.61 10.14 -27.74
N ASP A 283 28.01 8.94 -28.14
CA ASP A 283 29.40 8.66 -28.46
C ASP A 283 29.89 9.52 -29.62
N GLY A 284 28.99 9.89 -30.53
CA GLY A 284 29.37 10.67 -31.69
C GLY A 284 30.14 9.85 -32.70
N PRO A 285 31.34 10.30 -33.05
CA PRO A 285 32.17 9.65 -34.07
C PRO A 285 32.97 8.46 -33.52
N SER A 286 32.27 7.36 -33.27
CA SER A 286 32.91 6.15 -32.82
C SER A 286 33.64 5.47 -33.97
N ASP A 287 34.44 4.46 -33.64
CA ASP A 287 35.10 3.65 -34.64
C ASP A 287 34.03 2.89 -35.41
N THR A 288 33.32 2.02 -34.73
CA THR A 288 32.15 1.35 -35.28
C THR A 288 30.92 1.95 -34.61
N LEU A 289 29.81 1.94 -35.34
CA LEU A 289 28.52 2.37 -34.82
C LEU A 289 28.30 1.84 -33.41
N THR A 290 28.67 0.59 -33.17
CA THR A 290 28.45 -0.07 -31.88
C THR A 290 29.64 0.04 -30.94
N THR A 291 30.76 0.63 -31.37
CA THR A 291 31.91 0.77 -30.48
C THR A 291 31.73 1.97 -29.55
N PRO A 292 31.80 1.80 -28.24
CA PRO A 292 31.72 2.96 -27.35
C PRO A 292 32.92 3.86 -27.53
N SER A 293 32.76 5.13 -27.15
CA SER A 293 33.82 6.12 -27.24
C SER A 293 34.31 6.48 -25.84
N ARG A 294 35.63 6.43 -25.65
CA ARG A 294 36.21 6.83 -24.36
C ARG A 294 36.02 8.32 -24.12
N ARG A 295 36.20 9.14 -25.15
CA ARG A 295 36.14 10.58 -24.98
C ARG A 295 34.74 11.03 -24.61
N ALA A 296 33.73 10.50 -25.30
CA ALA A 296 32.35 10.84 -24.97
C ALA A 296 32.02 10.44 -23.54
N GLN A 297 32.47 9.25 -23.13
CA GLN A 297 32.22 8.81 -21.76
C GLN A 297 32.89 9.72 -20.75
N GLU A 298 34.10 10.18 -21.07
CA GLU A 298 34.80 11.09 -20.17
C GLU A 298 34.10 12.44 -20.10
N SER A 299 33.65 12.95 -21.24
CA SER A 299 32.90 14.20 -21.27
C SER A 299 31.66 14.11 -20.39
N LEU A 300 30.97 12.97 -20.49
CA LEU A 300 29.76 12.74 -19.71
C LEU A 300 30.06 12.75 -18.22
N LEU A 301 31.07 11.98 -17.81
CA LEU A 301 31.45 11.91 -16.40
C LEU A 301 31.82 13.29 -15.86
N THR A 302 32.70 14.00 -16.56
CA THR A 302 33.08 15.35 -16.16
C THR A 302 31.86 16.26 -15.99
N ARG A 303 30.99 16.30 -17.01
CA ARG A 303 29.83 17.18 -16.95
C ARG A 303 28.97 16.88 -15.72
N VAL A 304 28.60 15.61 -15.53
CA VAL A 304 27.62 15.27 -14.50
C VAL A 304 28.19 15.54 -13.11
N TYR A 305 29.47 15.20 -12.89
CA TYR A 305 30.05 15.38 -11.57
C TYR A 305 30.38 16.83 -11.27
N ARG A 306 30.70 17.62 -12.30
CA ARG A 306 30.83 19.05 -12.05
C ARG A 306 29.48 19.67 -11.71
N ARG A 307 28.42 19.23 -12.40
CA ARG A 307 27.09 19.79 -12.13
C ARG A 307 26.64 19.46 -10.72
N ALA A 308 26.83 18.20 -10.29
CA ALA A 308 26.59 17.87 -8.90
C ALA A 308 27.63 18.49 -7.97
N GLY A 309 28.80 18.84 -8.48
CA GLY A 309 29.86 19.38 -7.66
C GLY A 309 30.48 18.33 -6.75
N VAL A 310 30.81 17.17 -7.31
CA VAL A 310 31.35 16.04 -6.55
C VAL A 310 32.72 15.70 -7.11
N THR A 311 33.74 15.70 -6.25
CA THR A 311 35.09 15.34 -6.63
C THR A 311 35.26 13.82 -6.63
N PRO A 312 36.34 13.32 -7.26
CA PRO A 312 36.54 11.86 -7.28
C PRO A 312 36.65 11.22 -5.91
N THR A 313 37.09 11.96 -4.90
CA THR A 313 37.23 11.38 -3.57
C THR A 313 35.90 11.20 -2.87
N GLU A 314 34.93 12.06 -3.18
CA GLU A 314 33.60 11.96 -2.57
C GLU A 314 32.82 10.78 -3.08
N VAL A 315 33.16 10.24 -4.25
CA VAL A 315 32.45 9.10 -4.81
C VAL A 315 32.86 7.84 -4.06
N GLY A 316 31.89 7.14 -3.50
CA GLY A 316 32.18 5.96 -2.70
C GLY A 316 32.08 4.68 -3.48
N TYR A 317 31.49 4.76 -4.67
CA TYR A 317 31.18 3.59 -5.48
C TYR A 317 30.60 4.06 -6.80
N VAL A 318 30.80 3.25 -7.83
CA VAL A 318 30.23 3.50 -9.14
C VAL A 318 29.58 2.20 -9.61
N GLU A 319 28.30 2.25 -9.92
CA GLU A 319 27.64 1.13 -10.57
C GLU A 319 27.99 1.18 -12.04
N LEU A 320 28.78 0.20 -12.49
CA LEU A 320 29.20 0.13 -13.87
C LEU A 320 28.02 -0.25 -14.78
N HIS A 321 28.11 0.16 -16.04
CA HIS A 321 27.37 -0.54 -17.07
C HIS A 321 27.75 -2.01 -17.08
N GLY A 322 29.05 -2.28 -17.13
CA GLY A 322 29.63 -3.57 -16.78
C GLY A 322 29.03 -4.79 -17.44
N THR A 323 29.01 -4.81 -18.77
CA THR A 323 28.40 -5.90 -19.51
C THR A 323 29.34 -7.10 -19.70
N GLY A 324 30.63 -6.94 -19.42
CA GLY A 324 31.56 -8.03 -19.66
C GLY A 324 31.93 -8.21 -21.11
N THR A 325 31.90 -7.15 -21.90
CA THR A 325 32.28 -7.24 -23.31
C THR A 325 33.76 -6.92 -23.46
N LYS A 326 34.40 -7.63 -24.39
CA LYS A 326 35.83 -7.45 -24.62
C LYS A 326 36.17 -6.01 -24.99
N VAL A 327 35.30 -5.37 -25.78
CA VAL A 327 35.55 -4.01 -26.24
C VAL A 327 35.10 -3.00 -25.19
N GLY A 328 33.90 -3.21 -24.65
CA GLY A 328 33.29 -2.17 -23.83
C GLY A 328 33.97 -1.99 -22.49
N ASP A 329 34.26 -3.08 -21.80
CA ASP A 329 34.78 -2.97 -20.44
C ASP A 329 36.02 -2.09 -20.36
N PRO A 330 37.06 -2.29 -21.21
CA PRO A 330 38.23 -1.41 -21.12
C PRO A 330 37.90 0.06 -21.30
N ILE A 331 36.97 0.37 -22.21
CA ILE A 331 36.64 1.78 -22.48
C ILE A 331 35.99 2.42 -21.27
N GLU A 332 35.00 1.74 -20.68
CA GLU A 332 34.34 2.27 -19.50
C GLU A 332 35.33 2.43 -18.36
N ALA A 333 36.14 1.39 -18.12
CA ALA A 333 37.14 1.45 -17.06
C ALA A 333 38.11 2.61 -17.27
N ALA A 334 38.51 2.83 -18.51
CA ALA A 334 39.45 3.90 -18.81
C ALA A 334 38.82 5.27 -18.59
N ALA A 335 37.57 5.43 -19.04
CA ALA A 335 36.87 6.69 -18.81
C ALA A 335 36.76 7.00 -17.32
N LEU A 336 36.38 5.99 -16.52
CA LEU A 336 36.25 6.19 -15.08
C LEU A 336 37.59 6.56 -14.45
N GLY A 337 38.64 5.82 -14.80
CA GLY A 337 39.95 6.12 -14.27
C GLY A 337 40.44 7.50 -14.68
N ALA A 338 40.03 7.98 -15.85
CA ALA A 338 40.41 9.32 -16.27
C ALA A 338 39.68 10.39 -15.45
N VAL A 339 38.39 10.18 -15.19
CA VAL A 339 37.60 11.21 -14.53
C VAL A 339 37.58 11.04 -13.01
N LEU A 340 37.43 9.81 -12.52
CA LEU A 340 37.31 9.57 -11.09
C LEU A 340 38.48 8.81 -10.47
N GLY A 341 39.38 8.26 -11.28
CA GLY A 341 40.55 7.61 -10.75
C GLY A 341 41.63 8.58 -10.33
N THR A 342 42.02 9.47 -11.24
CA THR A 342 43.03 10.47 -10.94
C THR A 342 42.45 11.53 -9.99
N GLY A 343 43.23 11.89 -8.98
CA GLY A 343 42.78 12.82 -7.96
C GLY A 343 42.00 12.10 -6.87
N ARG A 344 42.55 10.99 -6.40
CA ARG A 344 41.86 10.14 -5.44
C ARG A 344 42.88 9.23 -4.77
N ASP A 345 42.79 9.12 -3.45
CA ASP A 345 43.75 8.30 -2.71
C ASP A 345 43.39 6.82 -2.82
N THR A 346 42.27 6.44 -2.23
CA THR A 346 41.91 5.03 -2.20
C THR A 346 41.31 4.59 -3.54
N PRO A 347 41.42 3.31 -3.87
CA PRO A 347 40.75 2.81 -5.07
C PRO A 347 39.25 3.01 -5.01
N LEU A 348 38.68 3.45 -6.11
CA LEU A 348 37.24 3.61 -6.22
C LEU A 348 36.58 2.24 -6.35
N PRO A 349 35.72 1.84 -5.41
CA PRO A 349 35.01 0.56 -5.57
C PRO A 349 33.98 0.64 -6.69
N VAL A 350 33.88 -0.45 -7.44
CA VAL A 350 32.95 -0.55 -8.56
C VAL A 350 32.32 -1.93 -8.55
N GLY A 351 31.23 -2.06 -9.29
CA GLY A 351 30.56 -3.35 -9.45
C GLY A 351 29.45 -3.26 -10.48
N SER A 352 28.80 -4.41 -10.71
CA SER A 352 27.75 -4.51 -11.71
C SER A 352 26.73 -5.56 -11.28
N ILE A 353 25.45 -5.17 -11.26
CA ILE A 353 24.38 -6.11 -10.97
C ILE A 353 24.18 -7.11 -12.11
N LYS A 354 24.73 -6.83 -13.30
CA LYS A 354 24.61 -7.80 -14.38
C LYS A 354 25.37 -9.08 -14.06
N THR A 355 26.30 -9.02 -13.10
CA THR A 355 26.97 -10.24 -12.64
C THR A 355 26.00 -11.13 -11.88
N ASN A 356 24.96 -10.54 -11.28
CA ASN A 356 23.99 -11.31 -10.48
C ASN A 356 22.83 -11.79 -11.33
N ILE A 357 22.07 -10.85 -11.89
CA ILE A 357 20.84 -11.15 -12.61
C ILE A 357 20.97 -11.05 -14.11
N GLY A 358 22.09 -10.54 -14.63
CA GLY A 358 22.31 -10.47 -16.05
C GLY A 358 22.01 -9.10 -16.63
N HIS A 359 22.01 -9.06 -17.96
CA HIS A 359 21.87 -7.80 -18.70
C HIS A 359 20.40 -7.64 -19.10
N LEU A 360 19.71 -6.78 -18.37
CA LEU A 360 18.29 -6.51 -18.62
C LEU A 360 18.07 -5.54 -19.76
N GLU A 361 19.15 -5.11 -20.43
CA GLU A 361 19.07 -4.29 -21.65
C GLU A 361 18.23 -3.04 -21.41
N GLY A 362 17.02 -2.98 -22.00
CA GLY A 362 16.20 -1.79 -21.88
C GLY A 362 16.01 -1.34 -20.44
N ALA A 363 15.94 -2.31 -19.52
CA ALA A 363 15.75 -2.05 -18.10
C ALA A 363 17.03 -2.25 -17.28
N ALA A 364 18.19 -2.23 -17.93
CA ALA A 364 19.47 -2.35 -17.24
C ALA A 364 19.69 -1.18 -16.29
N GLY A 365 19.67 0.03 -16.82
CA GLY A 365 19.87 1.26 -16.07
C GLY A 365 19.18 1.32 -14.72
N ILE A 366 17.84 1.30 -14.72
CA ILE A 366 17.08 1.36 -13.47
C ILE A 366 17.58 0.35 -12.45
N ALA A 367 17.83 -0.89 -12.89
CA ALA A 367 18.27 -1.93 -11.95
C ALA A 367 19.49 -1.42 -11.19
N GLY A 368 20.49 -0.94 -11.91
CA GLY A 368 21.72 -0.43 -11.32
C GLY A 368 21.40 0.62 -10.26
N LEU A 369 20.54 1.57 -10.63
CA LEU A 369 20.14 2.61 -9.70
C LEU A 369 19.58 2.01 -8.42
N ILE A 370 18.61 1.11 -8.55
CA ILE A 370 17.98 0.52 -7.37
C ILE A 370 19.07 -0.12 -6.50
N LYS A 371 20.02 -0.81 -7.13
CA LYS A 371 21.12 -1.39 -6.38
C LYS A 371 21.83 -0.33 -5.55
N ALA A 372 22.29 0.73 -6.23
CA ALA A 372 22.95 1.84 -5.54
C ALA A 372 22.10 2.34 -4.40
N LEU A 373 20.80 2.50 -4.65
CA LEU A 373 19.90 3.02 -3.62
C LEU A 373 19.91 2.12 -2.40
N LEU A 374 19.78 0.81 -2.61
CA LEU A 374 19.78 -0.10 -1.47
C LEU A 374 21.12 -0.06 -0.75
N GLN A 375 22.22 0.21 -1.46
CA GLN A 375 23.49 0.35 -0.77
C GLN A 375 23.57 1.64 0.02
N LEU A 376 22.91 2.69 -0.47
CA LEU A 376 22.94 3.96 0.26
C LEU A 376 22.13 3.88 1.54
N ARG A 377 20.92 3.32 1.47
CA ARG A 377 20.10 3.20 2.67
C ARG A 377 20.73 2.23 3.66
N ARG A 378 21.16 1.06 3.16
CA ARG A 378 21.84 0.09 4.03
C ARG A 378 23.21 0.57 4.48
N ARG A 379 23.79 1.53 3.77
CA ARG A 379 25.16 2.00 4.06
C ARG A 379 26.15 0.84 4.01
N ARG A 380 25.95 -0.05 3.05
CA ARG A 380 26.80 -1.23 2.88
C ARG A 380 27.02 -1.50 1.40
N LEU A 381 28.09 -2.22 1.11
CA LEU A 381 28.38 -2.66 -0.24
C LEU A 381 28.15 -4.16 -0.36
N VAL A 382 27.94 -4.62 -1.59
CA VAL A 382 27.71 -6.03 -1.87
C VAL A 382 28.68 -6.47 -2.95
N PRO A 383 29.00 -7.77 -3.05
CA PRO A 383 29.99 -8.21 -4.05
C PRO A 383 29.47 -8.09 -5.47
N SER A 384 30.35 -7.71 -6.38
CA SER A 384 30.09 -7.85 -7.80
C SER A 384 30.67 -9.20 -8.21
N LEU A 385 29.80 -10.11 -8.62
CA LEU A 385 30.19 -11.49 -8.83
C LEU A 385 31.01 -11.64 -10.11
N ASN A 386 31.46 -12.88 -10.36
CA ASN A 386 32.19 -13.27 -11.56
C ASN A 386 33.50 -12.52 -11.71
N PHE A 387 34.17 -12.20 -10.60
CA PHE A 387 35.47 -11.52 -10.64
C PHE A 387 36.52 -12.34 -9.91
N SER A 388 37.65 -12.55 -10.57
CA SER A 388 38.77 -13.24 -9.94
C SER A 388 40.11 -12.69 -10.38
N THR A 389 40.24 -12.36 -11.67
CA THR A 389 41.47 -11.76 -12.19
C THR A 389 41.15 -10.53 -13.00
N PRO A 390 41.91 -9.45 -12.84
CA PRO A 390 41.67 -8.25 -13.63
C PRO A 390 41.90 -8.51 -15.11
N ASN A 391 41.05 -7.93 -15.93
CA ASN A 391 41.30 -7.90 -17.36
C ASN A 391 42.68 -7.31 -17.62
N PRO A 392 43.56 -8.01 -18.36
CA PRO A 392 44.85 -7.42 -18.71
C PRO A 392 44.72 -6.12 -19.47
N ASP A 393 43.61 -5.89 -20.15
CA ASP A 393 43.30 -4.60 -20.75
C ASP A 393 42.84 -3.58 -19.75
N ILE A 394 42.76 -3.92 -18.47
CA ILE A 394 42.30 -2.98 -17.47
C ILE A 394 43.34 -2.88 -16.36
N PRO A 395 44.21 -1.88 -16.38
CA PRO A 395 45.11 -1.64 -15.25
C PRO A 395 44.40 -1.05 -14.05
N LEU A 396 43.81 -1.92 -13.23
CA LEU A 396 43.05 -1.45 -12.06
C LEU A 396 43.91 -0.55 -11.18
N ASP A 397 45.21 -0.86 -11.05
CA ASP A 397 46.07 -0.09 -10.16
C ASP A 397 46.34 1.30 -10.71
N ALA A 398 46.74 1.39 -11.98
CA ALA A 398 47.03 2.71 -12.55
C ALA A 398 45.75 3.55 -12.64
N LEU A 399 44.67 2.95 -13.14
CA LEU A 399 43.42 3.67 -13.30
C LEU A 399 42.81 4.07 -11.97
N ASN A 400 43.22 3.42 -10.87
CA ASN A 400 42.78 3.73 -9.52
C ASN A 400 41.31 3.34 -9.35
N LEU A 401 41.03 2.03 -9.45
CA LEU A 401 39.70 1.48 -9.28
C LEU A 401 39.82 0.04 -8.79
N ARG A 402 38.95 -0.35 -7.86
CA ARG A 402 38.94 -1.72 -7.38
C ARG A 402 37.52 -2.28 -7.43
N VAL A 403 37.42 -3.55 -7.82
CA VAL A 403 36.13 -4.22 -7.95
C VAL A 403 35.68 -4.72 -6.57
N GLN A 404 34.45 -4.40 -6.21
CA GLN A 404 33.90 -4.85 -4.94
C GLN A 404 33.61 -6.35 -5.02
N GLN A 405 34.26 -7.12 -4.14
CA GLN A 405 34.08 -8.56 -4.07
C GLN A 405 33.59 -9.03 -2.71
N GLU A 406 33.39 -8.12 -1.76
CA GLU A 406 33.12 -8.46 -0.36
C GLU A 406 31.98 -7.62 0.16
N SER A 407 31.04 -8.26 0.85
CA SER A 407 29.90 -7.53 1.42
C SER A 407 30.35 -6.65 2.59
N ALA A 408 31.17 -5.64 2.28
CA ALA A 408 31.75 -4.77 3.29
C ALA A 408 30.78 -3.67 3.68
N PRO A 409 31.04 -2.95 4.77
CA PRO A 409 30.28 -1.73 5.05
C PRO A 409 30.86 -0.56 4.26
N TRP A 410 30.19 0.59 4.37
CA TRP A 410 30.46 1.75 3.54
C TRP A 410 30.86 2.92 4.43
N ALA A 411 32.09 3.41 4.26
CA ALA A 411 32.62 4.49 5.07
C ALA A 411 32.72 5.78 4.26
N THR A 412 32.92 6.89 4.96
CA THR A 412 33.01 8.19 4.34
C THR A 412 34.46 8.64 4.17
N THR A 419 28.21 12.72 3.37
CA THR A 419 27.56 11.42 3.40
C THR A 419 28.05 10.52 2.27
N LEU A 420 27.36 9.41 2.06
CA LEU A 420 27.74 8.45 1.03
C LEU A 420 27.19 8.89 -0.32
N VAL A 421 28.01 8.74 -1.36
CA VAL A 421 27.68 9.16 -2.71
C VAL A 421 28.03 8.03 -3.67
N ALA A 422 27.13 7.75 -4.61
CA ALA A 422 27.31 6.69 -5.59
C ALA A 422 26.99 7.23 -6.98
N GLY A 423 27.53 6.54 -8.00
CA GLY A 423 27.27 6.93 -9.38
C GLY A 423 26.91 5.77 -10.28
N VAL A 424 25.96 5.98 -11.19
CA VAL A 424 25.42 4.91 -12.02
C VAL A 424 25.63 5.25 -13.50
N SER A 425 26.03 4.25 -14.27
CA SER A 425 26.24 4.38 -15.71
C SER A 425 25.36 3.41 -16.48
N SER A 426 24.87 3.85 -17.64
CA SER A 426 24.22 2.96 -18.57
C SER A 426 24.43 3.47 -19.99
N PHE A 427 24.90 2.58 -20.86
CA PHE A 427 25.29 2.91 -22.22
C PHE A 427 24.47 2.10 -23.21
N GLY A 428 24.05 2.73 -24.29
CA GLY A 428 23.29 2.07 -25.33
C GLY A 428 24.18 1.75 -26.52
N MET A 429 23.81 0.70 -27.25
CA MET A 429 24.59 0.31 -28.42
C MET A 429 24.57 1.35 -29.53
N GLY A 430 23.64 2.29 -29.48
CA GLY A 430 23.68 3.39 -30.41
C GLY A 430 24.54 4.54 -29.96
N GLY A 431 25.11 4.44 -28.77
CA GLY A 431 26.04 5.42 -28.27
C GLY A 431 25.45 6.38 -27.26
N THR A 432 24.14 6.40 -27.12
CA THR A 432 23.53 7.24 -26.10
C THR A 432 23.91 6.76 -24.71
N ASN A 433 24.73 7.52 -24.01
CA ASN A 433 25.22 7.17 -22.69
C ASN A 433 24.55 8.05 -21.65
N CYS A 434 24.36 7.51 -20.44
CA CYS A 434 23.75 8.27 -19.37
C CYS A 434 24.39 7.91 -18.03
N HIS A 435 24.53 8.91 -17.17
CA HIS A 435 25.10 8.77 -15.85
C HIS A 435 24.27 9.56 -14.85
N VAL A 436 24.15 9.03 -13.64
CA VAL A 436 23.36 9.63 -12.58
C VAL A 436 24.17 9.63 -11.30
N VAL A 437 24.11 10.74 -10.56
CA VAL A 437 24.82 10.90 -9.29
C VAL A 437 23.79 10.87 -8.17
N VAL A 438 23.93 9.92 -7.26
CA VAL A 438 22.98 9.75 -6.17
C VAL A 438 23.74 9.88 -4.85
N SER A 439 23.05 10.40 -3.84
CA SER A 439 23.61 10.58 -2.52
C SER A 439 22.64 10.00 -1.50
N ALA A 440 23.16 9.65 -0.33
CA ALA A 440 22.35 9.08 0.72
C ALA A 440 21.44 10.14 1.32
N ALA A 441 20.59 9.71 2.25
CA ALA A 441 19.65 10.62 2.89
C ALA A 441 20.40 11.66 3.73
N PRO A 442 19.81 12.85 3.94
CA PRO A 442 20.37 13.91 4.78
C PRO A 442 20.72 13.42 6.19
N ALA A 463 -1.26 1.86 24.56
CA ALA A 463 -1.27 0.55 25.20
C ALA A 463 -1.72 -0.51 24.22
N LEU A 464 -3.02 -0.50 23.89
CA LEU A 464 -3.55 -1.38 22.87
C LEU A 464 -3.40 -0.72 21.51
N LEU A 465 -2.76 -1.41 20.58
CA LEU A 465 -2.51 -0.96 19.23
C LEU A 465 -3.38 -1.70 18.23
N PRO A 466 -4.02 -0.97 17.32
CA PRO A 466 -4.73 -1.62 16.20
C PRO A 466 -3.94 -1.57 14.90
N TRP A 467 -4.05 -2.64 14.11
CA TRP A 467 -3.50 -2.72 12.77
C TRP A 467 -4.64 -2.94 11.78
N VAL A 468 -4.73 -2.08 10.78
CA VAL A 468 -5.80 -2.10 9.79
C VAL A 468 -5.26 -2.63 8.48
N VAL A 469 -5.98 -3.60 7.89
CA VAL A 469 -5.65 -4.10 6.56
C VAL A 469 -6.91 -4.05 5.68
N SER A 470 -6.70 -3.82 4.39
CA SER A 470 -7.79 -3.76 3.44
C SER A 470 -7.36 -4.45 2.15
N ALA A 471 -8.35 -4.76 1.32
CA ALA A 471 -8.11 -5.45 0.05
C ALA A 471 -9.39 -5.39 -0.78
N ARG A 472 -9.21 -5.65 -2.09
CA ARG A 472 -10.29 -5.62 -3.06
C ARG A 472 -11.01 -6.96 -3.17
N SER A 473 -10.57 -7.98 -2.45
CA SER A 473 -11.23 -9.27 -2.45
C SER A 473 -11.07 -9.91 -1.08
N PRO A 474 -12.09 -10.65 -0.60
CA PRO A 474 -11.94 -11.31 0.70
C PRO A 474 -10.76 -12.29 0.75
N GLN A 475 -10.54 -13.06 -0.31
CA GLN A 475 -9.34 -13.87 -0.42
C GLN A 475 -8.09 -12.99 -0.48
N ALA A 476 -8.19 -11.86 -1.19
CA ALA A 476 -7.11 -10.87 -1.15
C ALA A 476 -6.90 -10.34 0.27
N LEU A 477 -7.98 -10.14 1.02
CA LEU A 477 -7.86 -9.69 2.41
C LEU A 477 -7.12 -10.73 3.24
N ARG A 478 -7.47 -12.00 3.05
CA ARG A 478 -6.76 -13.12 3.68
C ARG A 478 -5.26 -13.03 3.41
N ASP A 479 -4.89 -12.88 2.13
CA ASP A 479 -3.47 -12.87 1.76
C ASP A 479 -2.76 -11.60 2.25
N GLN A 480 -3.46 -10.46 2.22
CA GLN A 480 -2.91 -9.24 2.77
C GLN A 480 -2.55 -9.42 4.23
N ALA A 481 -3.46 -10.00 5.02
CA ALA A 481 -3.23 -10.25 6.43
C ALA A 481 -2.06 -11.19 6.66
N GLY A 482 -2.01 -12.29 5.89
CA GLY A 482 -0.90 -13.22 6.04
C GLY A 482 0.45 -12.60 5.72
N ARG A 483 0.50 -11.83 4.62
CA ARG A 483 1.74 -11.15 4.24
C ARG A 483 2.20 -10.19 5.34
N LEU A 484 1.28 -9.36 5.84
CA LEU A 484 1.63 -8.44 6.92
C LEU A 484 2.14 -9.18 8.14
N ALA A 485 1.51 -10.31 8.47
CA ALA A 485 1.94 -11.07 9.65
C ALA A 485 3.35 -11.60 9.48
N ALA A 486 3.60 -12.28 8.37
CA ALA A 486 4.93 -12.82 8.10
C ALA A 486 5.99 -11.72 8.14
N TRP A 487 5.65 -10.54 7.60
CA TRP A 487 6.61 -9.44 7.62
C TRP A 487 6.84 -8.90 9.03
N ALA A 488 5.78 -8.80 9.83
CA ALA A 488 5.93 -8.34 11.21
C ALA A 488 6.82 -9.26 12.00
N ASP A 489 6.75 -10.57 11.74
CA ASP A 489 7.64 -11.50 12.42
C ASP A 489 9.07 -11.41 11.89
N SER A 490 9.24 -11.10 10.62
CA SER A 490 10.55 -11.09 10.00
C SER A 490 11.44 -10.00 10.62
N PRO A 491 12.76 -10.14 10.50
CA PRO A 491 13.67 -9.12 11.03
C PRO A 491 13.38 -7.72 10.52
N ALA A 492 13.20 -7.57 9.20
CA ALA A 492 12.92 -6.26 8.61
C ALA A 492 11.73 -5.59 9.28
N GLY A 493 10.71 -6.37 9.63
CA GLY A 493 9.56 -5.84 10.33
C GLY A 493 9.79 -5.60 11.81
N ARG A 494 10.73 -6.34 12.42
CA ARG A 494 11.06 -6.12 13.81
C ARG A 494 11.93 -4.89 14.01
N GLU A 495 12.55 -4.38 12.95
CA GLU A 495 13.21 -3.08 13.05
C GLU A 495 12.22 -1.93 13.16
N ALA A 496 10.94 -2.17 12.94
CA ALA A 496 9.89 -1.18 13.14
C ALA A 496 9.03 -1.57 14.33
N SER A 497 8.59 -0.57 15.09
CA SER A 497 7.80 -0.81 16.28
C SER A 497 6.33 -1.04 15.94
N PRO A 498 5.60 -1.74 16.81
CA PRO A 498 4.16 -1.93 16.55
C PRO A 498 3.39 -0.62 16.45
N VAL A 499 3.82 0.41 17.18
CA VAL A 499 3.16 1.71 17.09
C VAL A 499 3.34 2.29 15.69
N ASP A 500 4.59 2.33 15.21
CA ASP A 500 4.85 2.87 13.90
C ASP A 500 4.12 2.09 12.82
N ILE A 501 4.02 0.77 13.00
CA ILE A 501 3.35 -0.08 12.03
C ILE A 501 1.86 0.26 11.97
N GLY A 502 1.22 0.36 13.14
CA GLY A 502 -0.19 0.74 13.15
C GLY A 502 -0.43 2.11 12.52
N TRP A 503 0.43 3.07 12.85
CA TRP A 503 0.34 4.40 12.27
C TRP A 503 0.42 4.35 10.75
N SER A 504 1.43 3.67 10.22
CA SER A 504 1.63 3.65 8.78
C SER A 504 0.50 2.91 8.08
N LEU A 505 0.01 1.82 8.66
CA LEU A 505 -1.17 1.15 8.12
C LEU A 505 -2.35 2.10 8.07
N ALA A 506 -2.47 2.98 9.07
CA ALA A 506 -3.58 3.91 9.09
C ALA A 506 -3.44 4.99 8.02
N THR A 507 -2.21 5.48 7.80
CA THR A 507 -2.00 6.69 7.02
C THR A 507 -1.48 6.46 5.60
N SER A 508 -0.75 5.37 5.35
CA SER A 508 -0.04 5.22 4.08
C SER A 508 -0.62 4.12 3.19
N ARG A 509 -1.81 3.61 3.49
CA ARG A 509 -2.39 2.55 2.69
C ARG A 509 -3.83 2.91 2.34
N THR A 510 -4.22 2.63 1.11
CA THR A 510 -5.62 2.86 0.74
C THR A 510 -6.50 1.88 1.48
N HIS A 511 -7.72 2.32 1.78
CA HIS A 511 -8.67 1.51 2.53
C HIS A 511 -9.65 0.95 1.51
N PHE A 512 -9.37 -0.28 1.05
CA PHE A 512 -10.18 -0.91 0.02
C PHE A 512 -11.56 -1.25 0.58
N GLU A 513 -12.38 -1.91 -0.24
CA GLU A 513 -13.76 -2.16 0.15
C GLU A 513 -13.90 -3.35 1.10
N TYR A 514 -12.89 -4.21 1.23
CA TYR A 514 -12.91 -5.30 2.21
C TYR A 514 -11.85 -5.01 3.27
N ARG A 515 -12.28 -4.63 4.47
CA ARG A 515 -11.39 -4.15 5.52
C ARG A 515 -11.50 -4.98 6.79
N ALA A 516 -10.48 -4.87 7.64
CA ALA A 516 -10.45 -5.54 8.93
C ALA A 516 -9.40 -4.90 9.83
N VAL A 517 -9.60 -5.05 11.14
CA VAL A 517 -8.78 -4.44 12.18
C VAL A 517 -8.43 -5.50 13.21
N VAL A 518 -7.15 -5.60 13.56
CA VAL A 518 -6.68 -6.52 14.59
C VAL A 518 -6.12 -5.70 15.75
N SER A 519 -6.30 -6.21 16.96
CA SER A 519 -5.89 -5.53 18.18
C SER A 519 -4.82 -6.35 18.89
N GLY A 520 -3.89 -5.65 19.55
CA GLY A 520 -2.89 -6.35 20.35
C GLY A 520 -2.11 -5.37 21.21
N SER A 521 -1.39 -5.94 22.18
CA SER A 521 -0.55 -5.13 23.07
C SER A 521 0.91 -5.06 22.63
N ASP A 522 1.43 -6.12 21.98
CA ASP A 522 2.79 -6.16 21.50
C ASP A 522 2.77 -6.82 20.11
N ARG A 523 3.96 -7.17 19.62
CA ARG A 523 4.08 -7.72 18.27
C ARG A 523 3.39 -9.08 18.14
N ASP A 524 3.61 -9.96 19.11
CA ASP A 524 3.19 -11.35 18.98
C ASP A 524 1.67 -11.48 18.93
N GLU A 525 0.98 -10.74 19.80
CA GLU A 525 -0.47 -10.75 19.80
C GLU A 525 -1.02 -10.33 18.44
N LEU A 526 -0.53 -9.20 17.93
CA LEU A 526 -1.00 -8.68 16.64
C LEU A 526 -0.74 -9.67 15.51
N VAL A 527 0.45 -10.30 15.53
CA VAL A 527 0.81 -11.27 14.50
C VAL A 527 -0.17 -12.44 14.49
N ALA A 528 -0.42 -13.01 15.67
CA ALA A 528 -1.33 -14.15 15.74
C ALA A 528 -2.75 -13.74 15.35
N SER A 529 -3.13 -12.50 15.66
CA SER A 529 -4.41 -11.98 15.20
C SER A 529 -4.52 -12.01 13.69
N LEU A 530 -3.47 -11.55 13.00
CA LEU A 530 -3.48 -11.60 11.54
C LEU A 530 -3.57 -13.05 11.04
N ARG A 531 -2.81 -13.95 11.66
CA ARG A 531 -2.92 -15.36 11.30
C ARG A 531 -4.36 -15.84 11.35
N ALA A 532 -5.04 -15.55 12.46
CA ALA A 532 -6.42 -15.98 12.61
C ALA A 532 -7.31 -15.37 11.54
N LEU A 533 -7.08 -14.09 11.22
CA LEU A 533 -7.83 -13.46 10.13
C LEU A 533 -7.66 -14.24 8.82
N ALA A 534 -6.44 -14.71 8.54
CA ALA A 534 -6.17 -15.45 7.32
C ALA A 534 -6.93 -16.76 7.23
N SER A 535 -7.60 -17.18 8.30
CA SER A 535 -8.29 -18.46 8.32
C SER A 535 -9.75 -18.31 7.90
N GLY A 548 -23.42 2.13 1.69
CA GLY A 548 -24.12 1.54 2.81
C GLY A 548 -25.44 2.20 3.17
N GLY A 549 -25.37 3.41 3.73
CA GLY A 549 -26.55 4.16 4.09
C GLY A 549 -26.24 5.11 5.23
N ARG A 550 -27.30 5.51 5.93
CA ARG A 550 -27.15 6.41 7.06
C ARG A 550 -26.84 5.61 8.32
N LEU A 551 -26.15 6.26 9.25
CA LEU A 551 -25.71 5.61 10.48
C LEU A 551 -26.75 5.78 11.57
N GLY A 552 -27.10 4.67 12.21
CA GLY A 552 -28.12 4.68 13.26
C GLY A 552 -27.64 4.06 14.52
N LEU A 553 -27.94 4.72 15.64
CA LEU A 553 -27.55 4.31 16.97
C LEU A 553 -28.78 3.92 17.76
N VAL A 554 -28.77 2.72 18.33
CA VAL A 554 -29.74 2.28 19.31
C VAL A 554 -29.02 2.19 20.65
N PHE A 555 -29.54 2.89 21.65
CA PHE A 555 -28.94 2.92 22.98
C PHE A 555 -29.63 1.89 23.86
N SER A 556 -28.83 1.03 24.48
CA SER A 556 -29.37 -0.09 25.25
C SER A 556 -30.16 0.41 26.45
N GLY A 557 -31.08 -0.44 26.91
CA GLY A 557 -31.93 -0.13 28.04
C GLY A 557 -31.64 -0.99 29.25
N GLN A 558 -32.56 -0.93 30.21
CA GLN A 558 -32.44 -1.75 31.40
C GLN A 558 -32.51 -3.23 31.04
N GLY A 559 -31.64 -4.02 31.64
CA GLY A 559 -31.48 -5.43 31.31
C GLY A 559 -30.21 -5.74 30.54
N SER A 560 -29.62 -4.74 29.89
CA SER A 560 -28.32 -4.89 29.25
C SER A 560 -27.16 -4.60 30.20
N GLN A 561 -27.44 -4.10 31.40
CA GLN A 561 -26.40 -3.78 32.34
C GLN A 561 -25.81 -5.05 32.95
N ARG A 562 -24.53 -4.96 33.34
CA ARG A 562 -23.84 -6.05 34.00
C ARG A 562 -22.80 -5.46 34.95
N ALA A 563 -22.40 -6.23 35.95
CA ALA A 563 -21.35 -5.78 36.86
C ALA A 563 -20.04 -5.65 36.11
N GLY A 564 -19.32 -4.56 36.37
CA GLY A 564 -18.10 -4.27 35.67
C GLY A 564 -18.23 -3.35 34.48
N MET A 565 -19.31 -2.56 34.41
CA MET A 565 -19.55 -1.69 33.27
C MET A 565 -18.54 -0.55 33.24
N GLY A 566 -17.79 -0.45 32.14
CA GLY A 566 -16.92 0.68 31.91
C GLY A 566 -15.63 0.71 32.72
N ARG A 567 -15.34 -0.34 33.49
CA ARG A 567 -14.11 -0.33 34.28
C ARG A 567 -12.88 -0.38 33.39
N GLU A 568 -12.92 -1.18 32.33
CA GLU A 568 -11.76 -1.38 31.48
C GLU A 568 -11.71 -0.40 30.30
N LEU A 569 -12.85 0.17 29.90
CA LEU A 569 -12.83 1.29 28.96
C LEU A 569 -12.06 2.48 29.55
N TYR A 570 -12.08 2.60 30.87
CA TYR A 570 -11.48 3.75 31.55
C TYR A 570 -9.95 3.69 31.51
N VAL A 571 -9.38 2.49 31.46
CA VAL A 571 -7.93 2.34 31.62
C VAL A 571 -7.16 2.44 30.31
N ALA A 572 -7.80 2.22 29.16
CA ALA A 572 -7.06 2.25 27.90
C ALA A 572 -7.18 3.60 27.22
N PHE A 573 -8.40 4.08 27.02
CA PHE A 573 -8.66 5.24 26.18
C PHE A 573 -8.90 6.46 27.05
N PRO A 574 -8.01 7.46 27.05
CA PRO A 574 -8.24 8.65 27.89
C PRO A 574 -9.51 9.41 27.56
N VAL A 575 -10.06 9.28 26.35
CA VAL A 575 -11.28 10.00 26.00
C VAL A 575 -12.46 9.46 26.79
N PHE A 576 -12.59 8.13 26.85
CA PHE A 576 -13.65 7.55 27.66
C PHE A 576 -13.46 7.93 29.11
N ALA A 577 -12.22 7.92 29.60
CA ALA A 577 -11.97 8.28 31.00
C ALA A 577 -12.39 9.71 31.28
N GLU A 578 -12.06 10.64 30.38
CA GLU A 578 -12.40 12.04 30.60
C GLU A 578 -13.91 12.25 30.58
N ALA A 579 -14.60 11.71 29.56
CA ALA A 579 -16.04 11.89 29.48
C ALA A 579 -16.75 11.18 30.62
N PHE A 580 -16.30 9.98 30.96
CA PHE A 580 -16.87 9.23 32.06
C PHE A 580 -16.65 9.93 33.38
N ASP A 581 -15.51 10.64 33.55
CA ASP A 581 -15.29 11.39 34.78
C ASP A 581 -16.16 12.65 34.85
N GLU A 582 -16.37 13.32 33.72
CA GLU A 582 -17.28 14.47 33.76
C GLU A 582 -18.70 14.01 34.12
N VAL A 583 -19.18 12.98 33.41
CA VAL A 583 -20.53 12.49 33.69
C VAL A 583 -20.63 11.92 35.10
N CYS A 584 -19.60 11.20 35.56
CA CYS A 584 -19.64 10.61 36.88
C CYS A 584 -19.51 11.65 37.98
N GLY A 585 -18.76 12.73 37.76
CA GLY A 585 -18.71 13.79 38.76
C GLY A 585 -20.04 14.49 38.89
N VAL A 586 -20.66 14.81 37.75
CA VAL A 586 -21.96 15.47 37.77
C VAL A 586 -23.00 14.54 38.42
N LEU A 587 -22.98 13.26 38.04
CA LEU A 587 -23.93 12.29 38.60
C LEU A 587 -23.65 12.00 40.06
N ASP A 588 -22.38 12.00 40.47
CA ASP A 588 -22.05 11.85 41.87
C ASP A 588 -22.66 12.99 42.68
N GLU A 589 -22.54 14.22 42.17
CA GLU A 589 -23.16 15.35 42.85
C GLU A 589 -24.68 15.18 42.94
N VAL A 590 -25.32 14.89 41.81
CA VAL A 590 -26.78 14.82 41.81
C VAL A 590 -27.28 13.71 42.72
N MET A 591 -26.70 12.51 42.62
CA MET A 591 -27.13 11.40 43.45
C MET A 591 -26.66 11.52 44.90
N GLY A 592 -25.64 12.33 45.18
CA GLY A 592 -25.28 12.60 46.56
C GLY A 592 -26.27 13.53 47.23
N ALA A 593 -26.83 14.47 46.47
CA ALA A 593 -27.88 15.31 47.05
C ALA A 593 -29.17 14.53 47.23
N LEU A 594 -29.56 13.73 46.24
CA LEU A 594 -30.83 12.99 46.24
C LEU A 594 -30.53 11.51 46.09
N PRO A 595 -30.13 10.83 47.17
CA PRO A 595 -29.68 9.44 47.05
C PRO A 595 -30.85 8.48 47.09
N PRO A 596 -30.79 7.38 46.32
CA PRO A 596 -31.82 6.34 46.30
C PRO A 596 -31.70 5.39 47.49
N GLY A 602 -20.59 7.22 47.96
CA GLY A 602 -21.09 8.19 47.00
C GLY A 602 -20.20 8.32 45.77
N SER A 603 -20.09 7.24 45.00
CA SER A 603 -19.32 7.25 43.76
C SER A 603 -19.91 6.20 42.83
N LEU A 604 -20.55 6.64 41.75
CA LEU A 604 -21.13 5.72 40.77
C LEU A 604 -20.04 4.92 40.07
N ARG A 605 -18.88 5.54 39.87
CA ARG A 605 -17.70 4.84 39.35
C ARG A 605 -17.46 3.54 40.11
N GLU A 606 -17.49 3.61 41.44
CA GLU A 606 -17.22 2.43 42.26
C GLU A 606 -18.27 1.35 42.07
N VAL A 607 -19.55 1.73 42.09
CA VAL A 607 -20.63 0.76 41.93
C VAL A 607 -20.53 0.06 40.58
N MET A 608 -20.30 0.82 39.51
CA MET A 608 -20.23 0.22 38.19
C MET A 608 -19.01 -0.67 38.03
N PHE A 609 -17.84 -0.21 38.50
CA PHE A 609 -16.60 -0.91 38.23
C PHE A 609 -16.42 -2.18 39.06
N GLU A 610 -17.21 -2.37 40.10
CA GLU A 610 -17.03 -3.49 41.02
C GLU A 610 -17.81 -4.70 40.53
N VAL A 611 -17.08 -5.78 40.24
CA VAL A 611 -17.75 -7.05 39.90
C VAL A 611 -18.55 -7.55 41.09
N SER A 612 -17.97 -7.46 42.28
CA SER A 612 -18.68 -7.83 43.51
C SER A 612 -19.68 -6.74 43.88
N SER A 613 -20.64 -6.53 42.97
CA SER A 613 -21.65 -5.49 43.20
C SER A 613 -22.87 -5.80 42.34
N ASP A 614 -23.98 -6.14 43.00
CA ASP A 614 -25.27 -6.24 42.36
C ASP A 614 -26.07 -4.95 42.46
N LEU A 615 -25.45 -3.88 42.97
CA LEU A 615 -26.11 -2.57 43.06
C LEU A 615 -26.60 -2.07 41.71
N LEU A 616 -26.11 -2.64 40.61
CA LEU A 616 -26.51 -2.18 39.29
C LEU A 616 -27.91 -2.67 38.92
N ASP A 617 -28.36 -3.78 39.51
CA ASP A 617 -29.67 -4.30 39.17
C ASP A 617 -30.82 -3.50 39.78
N GLU A 618 -30.55 -2.64 40.76
CA GLU A 618 -31.59 -1.74 41.27
C GLU A 618 -31.71 -0.52 40.39
N THR A 619 -32.96 -0.11 40.12
CA THR A 619 -33.22 0.95 39.14
C THR A 619 -32.72 2.31 39.59
N GLY A 620 -32.39 2.49 40.88
CA GLY A 620 -31.80 3.74 41.31
C GLY A 620 -30.37 3.92 40.86
N PHE A 621 -29.72 2.83 40.45
CA PHE A 621 -28.37 2.89 39.91
C PHE A 621 -28.27 2.48 38.44
N THR A 622 -29.17 1.62 37.96
CA THR A 622 -29.01 1.11 36.60
C THR A 622 -29.23 2.20 35.56
N GLN A 623 -30.07 3.18 35.84
CA GLN A 623 -30.32 4.21 34.84
C GLN A 623 -29.16 5.20 34.77
N PRO A 624 -28.66 5.73 35.90
CA PRO A 624 -27.44 6.55 35.81
C PRO A 624 -26.22 5.77 35.31
N ALA A 625 -26.09 4.51 35.69
CA ALA A 625 -24.98 3.69 35.20
C ALA A 625 -25.02 3.56 33.69
N LEU A 626 -26.18 3.19 33.15
CA LEU A 626 -26.34 3.07 31.71
C LEU A 626 -26.08 4.39 31.02
N PHE A 627 -26.60 5.49 31.58
CA PHE A 627 -26.40 6.80 30.96
C PHE A 627 -24.92 7.15 30.90
N ALA A 628 -24.18 6.92 31.98
CA ALA A 628 -22.75 7.26 32.00
C ALA A 628 -21.99 6.40 31.00
N PHE A 629 -22.17 5.07 31.07
CA PHE A 629 -21.52 4.17 30.13
C PHE A 629 -21.76 4.61 28.69
N GLU A 630 -23.02 4.89 28.35
CA GLU A 630 -23.36 5.19 26.96
C GLU A 630 -22.92 6.59 26.52
N VAL A 631 -22.98 7.59 27.39
CA VAL A 631 -22.54 8.92 26.98
C VAL A 631 -21.03 8.94 26.76
N ALA A 632 -20.27 8.35 27.69
CA ALA A 632 -18.82 8.27 27.47
C ALA A 632 -18.49 7.42 26.25
N LEU A 633 -19.27 6.37 26.00
CA LEU A 633 -19.03 5.56 24.81
C LEU A 633 -19.32 6.34 23.54
N TYR A 634 -20.36 7.18 23.55
CA TYR A 634 -20.65 7.99 22.37
C TYR A 634 -19.59 9.05 22.14
N ARG A 635 -19.08 9.67 23.21
CA ARG A 635 -17.99 10.64 23.06
C ARG A 635 -16.77 9.99 22.44
N LEU A 636 -16.44 8.77 22.86
CA LEU A 636 -15.26 8.10 22.31
C LEU A 636 -15.50 7.61 20.88
N LEU A 637 -16.72 7.21 20.54
CA LEU A 637 -17.00 6.86 19.16
C LEU A 637 -16.95 8.09 18.26
N GLU A 638 -17.35 9.25 18.79
CA GLU A 638 -17.34 10.49 18.02
C GLU A 638 -15.91 10.99 17.81
N SER A 639 -15.03 10.82 18.81
CA SER A 639 -13.64 11.19 18.63
C SER A 639 -12.98 10.33 17.55
N TRP A 640 -13.36 9.06 17.47
CA TRP A 640 -12.90 8.15 16.42
C TRP A 640 -13.62 8.38 15.09
N GLY A 641 -14.32 9.51 14.95
CA GLY A 641 -14.99 9.87 13.72
C GLY A 641 -16.43 9.42 13.61
N VAL A 642 -16.79 8.34 14.32
CA VAL A 642 -18.12 7.76 14.19
C VAL A 642 -19.16 8.70 14.77
N ALA A 643 -19.83 9.46 13.90
CA ALA A 643 -20.86 10.41 14.29
C ALA A 643 -22.19 9.89 13.77
N GLY A 644 -23.09 9.53 14.68
CA GLY A 644 -24.37 9.00 14.28
C GLY A 644 -25.25 10.07 13.64
N GLU A 645 -26.11 9.64 12.72
CA GLU A 645 -27.06 10.54 12.09
C GLU A 645 -28.48 10.34 12.56
N VAL A 646 -28.88 9.13 12.94
CA VAL A 646 -30.20 8.90 13.52
C VAL A 646 -30.03 8.12 14.82
N VAL A 647 -30.66 8.60 15.89
CA VAL A 647 -30.54 8.00 17.21
C VAL A 647 -31.89 7.51 17.70
N ALA A 648 -31.85 6.53 18.60
CA ALA A 648 -33.04 6.02 19.26
C ALA A 648 -32.62 5.28 20.52
N GLY A 649 -33.58 5.11 21.44
CA GLY A 649 -33.28 4.46 22.69
C GLY A 649 -34.42 3.68 23.32
N HIS A 650 -34.09 2.52 23.90
CA HIS A 650 -35.06 1.70 24.62
C HIS A 650 -35.16 2.19 26.06
N SER A 651 -36.33 2.69 26.44
CA SER A 651 -36.58 3.20 27.79
C SER A 651 -35.56 4.26 28.17
N VAL A 652 -34.83 4.01 29.27
CA VAL A 652 -33.81 4.93 29.73
C VAL A 652 -32.81 5.27 28.64
N GLY A 653 -32.66 4.38 27.65
CA GLY A 653 -31.75 4.65 26.54
C GLY A 653 -32.02 5.98 25.87
N GLU A 654 -33.30 6.32 25.67
CA GLU A 654 -33.68 7.59 25.06
C GLU A 654 -32.95 8.77 25.71
N ILE A 655 -32.82 8.71 27.04
CA ILE A 655 -32.23 9.82 27.78
C ILE A 655 -30.82 10.12 27.26
N ALA A 656 -30.03 9.08 27.01
CA ALA A 656 -28.72 9.29 26.40
C ALA A 656 -28.88 9.88 25.00
N ALA A 657 -29.75 9.28 24.18
CA ALA A 657 -29.89 9.70 22.79
C ALA A 657 -30.30 11.16 22.69
N VAL A 658 -31.20 11.60 23.57
CA VAL A 658 -31.67 12.97 23.51
C VAL A 658 -30.58 13.92 23.98
N HIS A 659 -29.73 13.47 24.92
CA HIS A 659 -28.63 14.31 25.40
C HIS A 659 -27.57 14.51 24.33
N VAL A 660 -27.03 13.40 23.81
CA VAL A 660 -26.01 13.47 22.77
C VAL A 660 -26.54 14.15 21.51
N ALA A 661 -27.86 14.21 21.35
CA ALA A 661 -28.46 15.00 20.28
C ALA A 661 -28.34 16.50 20.53
N GLY A 662 -27.82 16.91 21.68
CA GLY A 662 -27.73 18.31 22.02
C GLY A 662 -28.98 18.91 22.63
N VAL A 663 -30.04 18.12 22.82
CA VAL A 663 -31.26 18.65 23.41
C VAL A 663 -31.02 19.11 24.83
N LEU A 664 -30.45 18.23 25.65
CA LEU A 664 -30.23 18.48 27.06
C LEU A 664 -28.75 18.66 27.34
N SER A 665 -28.42 19.67 28.15
CA SER A 665 -27.06 19.81 28.63
C SER A 665 -26.74 18.66 29.59
N LEU A 666 -25.45 18.54 29.93
CA LEU A 666 -25.02 17.46 30.81
C LEU A 666 -25.73 17.54 32.15
N ALA A 667 -25.89 18.75 32.69
CA ALA A 667 -26.52 18.92 33.99
C ALA A 667 -27.98 18.48 33.96
N ASP A 668 -28.74 19.00 33.00
CA ASP A 668 -30.17 18.67 32.92
C ASP A 668 -30.37 17.18 32.64
N ALA A 669 -29.51 16.59 31.82
CA ALA A 669 -29.62 15.17 31.53
C ALA A 669 -29.34 14.32 32.77
N CYS A 670 -28.28 14.66 33.51
CA CYS A 670 -27.99 13.93 34.74
C CYS A 670 -29.13 14.07 35.74
N ALA A 671 -29.70 15.28 35.86
CA ALA A 671 -30.83 15.48 36.76
C ALA A 671 -32.02 14.62 36.34
N LEU A 672 -32.36 14.64 35.04
CA LEU A 672 -33.44 13.83 34.52
C LEU A 672 -33.26 12.36 34.86
N VAL A 673 -32.07 11.81 34.56
CA VAL A 673 -31.89 10.37 34.68
C VAL A 673 -31.84 9.96 36.16
N ALA A 674 -31.18 10.75 37.01
CA ALA A 674 -31.14 10.41 38.42
C ALA A 674 -32.52 10.52 39.05
N ALA A 675 -33.31 11.53 38.66
CA ALA A 675 -34.66 11.63 39.16
C ALA A 675 -35.52 10.46 38.70
N ARG A 676 -35.40 10.07 37.44
CA ARG A 676 -36.15 8.91 36.95
C ARG A 676 -35.80 7.67 37.76
N GLY A 677 -34.49 7.38 37.90
CA GLY A 677 -34.08 6.22 38.64
C GLY A 677 -34.50 6.26 40.09
N ARG A 678 -34.39 7.42 40.73
CA ARG A 678 -34.71 7.51 42.14
C ARG A 678 -36.20 7.39 42.38
N LEU A 679 -37.01 8.13 41.61
CA LEU A 679 -38.45 8.05 41.77
C LEU A 679 -39.00 6.68 41.42
N MET A 680 -38.33 5.95 40.52
CA MET A 680 -38.74 4.57 40.27
C MET A 680 -38.21 3.61 41.33
N GLN A 681 -37.15 3.98 42.04
CA GLN A 681 -36.60 3.09 43.06
C GLN A 681 -37.46 3.08 44.33
N GLY A 682 -38.08 4.20 44.68
CA GLY A 682 -38.89 4.30 45.88
C GLY A 682 -40.23 3.63 45.80
N LEU A 683 -40.58 3.05 44.66
CA LEU A 683 -41.85 2.36 44.51
C LEU A 683 -41.78 1.00 45.22
N PRO A 684 -42.92 0.49 45.68
CA PRO A 684 -42.92 -0.81 46.38
C PRO A 684 -42.62 -1.94 45.42
N SER A 685 -42.37 -3.11 46.00
CA SER A 685 -42.12 -4.31 45.23
C SER A 685 -43.43 -4.77 44.58
N GLY A 686 -43.46 -6.01 44.10
CA GLY A 686 -44.62 -6.54 43.44
C GLY A 686 -44.69 -6.27 41.95
N GLY A 687 -43.71 -5.57 41.39
CA GLY A 687 -43.63 -5.39 39.97
C GLY A 687 -42.78 -6.46 39.32
N ALA A 688 -43.15 -6.82 38.09
CA ALA A 688 -42.40 -7.82 37.34
C ALA A 688 -42.56 -7.57 35.85
N MET A 689 -41.54 -8.01 35.10
CA MET A 689 -41.51 -7.97 33.65
C MET A 689 -41.04 -9.32 33.12
N VAL A 690 -41.70 -9.78 32.06
CA VAL A 690 -41.39 -11.05 31.42
C VAL A 690 -41.22 -10.82 29.92
N ALA A 691 -40.12 -11.33 29.36
CA ALA A 691 -39.98 -11.39 27.92
C ALA A 691 -40.79 -12.57 27.40
N VAL A 692 -41.56 -12.34 26.34
CA VAL A 692 -42.53 -13.30 25.84
C VAL A 692 -42.42 -13.34 24.32
N GLU A 693 -42.34 -14.54 23.77
CA GLU A 693 -42.37 -14.76 22.33
C GLU A 693 -43.84 -14.74 21.90
N ALA A 694 -44.36 -13.53 21.72
CA ALA A 694 -45.73 -13.34 21.29
C ALA A 694 -45.84 -12.05 20.49
N SER A 695 -46.76 -12.03 19.55
CA SER A 695 -47.04 -10.80 18.82
C SER A 695 -47.68 -9.78 19.76
N GLU A 696 -47.49 -8.50 19.42
CA GLU A 696 -48.18 -7.43 20.13
C GLU A 696 -49.68 -7.67 20.16
N GLU A 697 -50.22 -8.17 19.04
CA GLU A 697 -51.65 -8.48 18.96
C GLU A 697 -52.03 -9.52 19.99
N GLU A 698 -51.19 -10.56 20.16
CA GLU A 698 -51.47 -11.63 21.11
C GLU A 698 -51.55 -11.11 22.54
N VAL A 699 -50.54 -10.33 22.95
CA VAL A 699 -50.53 -9.83 24.33
C VAL A 699 -51.64 -8.81 24.55
N THR A 700 -52.00 -8.06 23.50
CA THR A 700 -53.18 -7.20 23.58
C THR A 700 -54.43 -8.02 23.83
N ALA A 701 -54.52 -9.19 23.20
CA ALA A 701 -55.63 -10.10 23.47
C ALA A 701 -55.58 -10.67 24.89
N LEU A 702 -54.37 -10.89 25.41
CA LEU A 702 -54.26 -11.57 26.69
C LEU A 702 -54.46 -10.65 27.88
N LEU A 703 -54.09 -9.38 27.76
CA LEU A 703 -54.10 -8.48 28.91
C LEU A 703 -55.29 -7.52 28.93
N ALA A 704 -56.03 -7.39 27.84
CA ALA A 704 -57.13 -6.44 27.78
C ALA A 704 -58.15 -6.72 28.88
N GLY A 705 -58.60 -5.67 29.54
CA GLY A 705 -59.44 -5.78 30.72
C GLY A 705 -58.68 -5.69 32.02
N ARG A 706 -57.37 -5.93 32.00
CA ARG A 706 -56.50 -5.85 33.16
C ARG A 706 -55.61 -4.62 33.12
N GLU A 707 -56.14 -3.50 32.61
CA GLU A 707 -55.31 -2.31 32.39
C GLU A 707 -54.76 -1.78 33.70
N GLY A 708 -55.58 -1.81 34.76
CA GLY A 708 -55.14 -1.34 36.06
C GLY A 708 -54.09 -2.21 36.73
N GLU A 709 -53.83 -3.41 36.20
CA GLU A 709 -52.93 -4.36 36.82
C GLU A 709 -51.74 -4.77 35.98
N VAL A 710 -51.88 -4.83 34.65
CA VAL A 710 -50.81 -5.33 33.78
C VAL A 710 -50.94 -4.67 32.41
N GLY A 711 -49.85 -4.66 31.67
CA GLY A 711 -49.85 -4.11 30.33
C GLY A 711 -48.62 -4.53 29.56
N ILE A 712 -48.54 -4.05 28.32
CA ILE A 712 -47.40 -4.33 27.45
C ILE A 712 -46.25 -3.42 27.85
N GLY A 713 -45.14 -4.02 28.28
CA GLY A 713 -43.98 -3.23 28.66
C GLY A 713 -43.21 -2.73 27.46
N ALA A 714 -43.11 -3.58 26.44
CA ALA A 714 -42.33 -3.22 25.26
C ALA A 714 -42.74 -4.11 24.08
N VAL A 715 -42.68 -3.54 22.89
CA VAL A 715 -42.85 -4.29 21.65
C VAL A 715 -41.50 -4.32 20.94
N ASN A 716 -40.69 -5.34 21.23
CA ASN A 716 -39.31 -5.39 20.76
C ASN A 716 -39.18 -6.01 19.37
N GLY A 717 -40.15 -6.81 18.94
CA GLY A 717 -40.12 -7.40 17.63
C GLY A 717 -41.50 -7.79 17.14
N PRO A 718 -41.59 -8.34 15.92
CA PRO A 718 -42.89 -8.83 15.46
C PRO A 718 -43.43 -9.97 16.29
N ARG A 719 -42.55 -10.76 16.92
CA ARG A 719 -42.93 -11.87 17.78
C ARG A 719 -42.11 -11.86 19.06
N SER A 720 -41.93 -10.67 19.65
CA SER A 720 -41.15 -10.56 20.88
C SER A 720 -41.59 -9.31 21.61
N VAL A 721 -42.30 -9.50 22.73
CA VAL A 721 -42.78 -8.38 23.52
C VAL A 721 -42.54 -8.68 24.99
N VAL A 722 -42.42 -7.63 25.77
CA VAL A 722 -42.22 -7.72 27.21
C VAL A 722 -43.50 -7.27 27.89
N VAL A 723 -44.08 -8.18 28.69
CA VAL A 723 -45.25 -7.88 29.50
C VAL A 723 -44.79 -7.38 30.86
N SER A 724 -45.36 -6.27 31.31
CA SER A 724 -44.98 -5.65 32.57
C SER A 724 -46.21 -5.40 33.41
N GLY A 725 -46.11 -5.70 34.71
CA GLY A 725 -47.23 -5.44 35.60
C GLY A 725 -47.02 -6.00 36.98
N GLY A 726 -48.12 -6.27 37.66
CA GLY A 726 -48.06 -6.88 38.97
C GLY A 726 -47.32 -8.20 38.88
N VAL A 727 -46.44 -8.48 39.85
CA VAL A 727 -45.71 -9.73 39.83
C VAL A 727 -46.67 -10.91 39.86
N ALA A 728 -47.85 -10.72 40.43
CA ALA A 728 -48.88 -11.76 40.38
C ALA A 728 -49.35 -11.98 38.95
N VAL A 729 -49.83 -10.92 38.30
CA VAL A 729 -50.43 -11.06 36.98
C VAL A 729 -49.36 -11.42 35.93
N VAL A 730 -48.11 -11.05 36.18
CA VAL A 730 -47.03 -11.40 35.25
C VAL A 730 -46.82 -12.92 35.21
N GLU A 731 -47.01 -13.59 36.35
CA GLU A 731 -46.71 -15.01 36.43
C GLU A 731 -47.62 -15.83 35.54
N GLU A 732 -48.92 -15.55 35.55
CA GLU A 732 -49.82 -16.33 34.71
C GLU A 732 -49.62 -16.03 33.23
N VAL A 733 -49.17 -14.83 32.89
CA VAL A 733 -48.82 -14.54 31.50
C VAL A 733 -47.65 -15.41 31.06
N ALA A 734 -46.60 -15.44 31.89
CA ALA A 734 -45.45 -16.29 31.59
C ALA A 734 -45.88 -17.77 31.49
N ALA A 735 -46.72 -18.21 32.43
CA ALA A 735 -47.15 -19.62 32.44
C ALA A 735 -48.05 -19.95 31.25
N HIS A 736 -48.96 -19.03 30.89
CA HIS A 736 -49.78 -19.21 29.70
C HIS A 736 -48.92 -19.38 28.46
N PHE A 737 -47.96 -18.48 28.26
CA PHE A 737 -47.10 -18.61 27.08
C PHE A 737 -46.05 -19.71 27.23
N ALA A 738 -45.70 -20.10 28.46
CA ALA A 738 -44.84 -21.24 28.67
C ALA A 738 -45.59 -22.55 28.39
N ALA A 744 -40.83 -17.84 27.13
CA ALA A 744 -41.13 -16.85 28.16
C ALA A 744 -40.00 -16.78 29.18
N ARG A 745 -39.24 -15.69 29.17
CA ARG A 745 -38.11 -15.50 30.05
C ARG A 745 -38.43 -14.40 31.06
N ARG A 746 -38.37 -14.74 32.35
CA ARG A 746 -38.52 -13.74 33.40
C ARG A 746 -37.34 -12.78 33.38
N LEU A 747 -37.64 -11.49 33.47
CA LEU A 747 -36.61 -10.47 33.46
C LEU A 747 -36.20 -10.12 34.88
N LYS A 748 -34.89 -9.96 35.10
CA LYS A 748 -34.35 -9.57 36.40
C LYS A 748 -34.41 -8.05 36.49
N VAL A 749 -35.58 -7.55 36.89
CA VAL A 749 -35.81 -6.13 37.09
C VAL A 749 -36.39 -5.93 38.48
N SER A 750 -36.14 -4.76 39.06
CA SER A 750 -36.65 -4.46 40.38
C SER A 750 -38.10 -4.02 40.38
N HIS A 751 -38.60 -3.49 39.27
CA HIS A 751 -39.97 -2.96 39.21
C HIS A 751 -40.58 -3.27 37.85
N ALA A 752 -41.90 -3.11 37.77
CA ALA A 752 -42.64 -3.30 36.52
C ALA A 752 -42.62 -1.98 35.75
N PHE A 753 -41.55 -1.78 34.99
CA PHE A 753 -41.39 -0.56 34.23
C PHE A 753 -42.38 -0.52 33.06
N HIS A 754 -42.81 0.69 32.71
CA HIS A 754 -43.77 0.94 31.63
C HIS A 754 -45.06 0.15 31.88
N SER A 755 -45.72 0.50 32.97
CA SER A 755 -46.90 -0.22 33.41
C SER A 755 -47.66 0.66 34.39
N PRO A 756 -48.92 0.31 34.72
CA PRO A 756 -49.68 1.14 35.68
C PRO A 756 -48.99 1.30 37.02
N LEU A 757 -48.15 0.35 37.43
CA LEU A 757 -47.40 0.50 38.67
C LEU A 757 -46.44 1.70 38.65
N MET A 758 -46.21 2.30 37.48
CA MET A 758 -45.39 3.48 37.35
C MET A 758 -46.18 4.78 37.52
N ASP A 759 -47.49 4.70 37.67
CA ASP A 759 -48.29 5.91 37.87
C ASP A 759 -47.92 6.71 39.12
N PRO A 760 -47.61 6.11 40.28
CA PRO A 760 -47.33 6.94 41.47
C PRO A 760 -46.20 7.92 41.30
N MET A 761 -45.16 7.58 40.54
CA MET A 761 -44.02 8.48 40.36
C MET A 761 -44.15 9.39 39.15
N LEU A 762 -45.25 9.29 38.39
CA LEU A 762 -45.39 10.08 37.17
C LEU A 762 -45.36 11.57 37.46
N GLU A 763 -46.30 12.04 38.29
CA GLU A 763 -46.48 13.48 38.48
C GLU A 763 -45.25 14.12 39.11
N ASP A 764 -44.63 13.44 40.09
CA ASP A 764 -43.35 13.90 40.62
C ASP A 764 -42.33 14.06 39.49
N PHE A 765 -42.18 13.02 38.67
CA PHE A 765 -41.30 13.11 37.51
C PHE A 765 -41.70 14.30 36.64
N GLY A 766 -43.02 14.51 36.48
CA GLY A 766 -43.49 15.60 35.66
C GLY A 766 -43.01 16.97 36.11
N ARG A 767 -42.73 17.13 37.40
CA ARG A 767 -42.17 18.41 37.85
C ARG A 767 -40.68 18.51 37.54
N VAL A 768 -39.94 17.41 37.70
CA VAL A 768 -38.51 17.45 37.40
C VAL A 768 -38.31 17.89 35.95
N VAL A 769 -39.00 17.23 35.02
CA VAL A 769 -38.86 17.57 33.61
C VAL A 769 -39.32 18.99 33.35
N ALA A 770 -40.25 19.51 34.17
CA ALA A 770 -40.70 20.89 33.97
C ALA A 770 -39.63 21.92 34.32
N GLY A 771 -38.52 21.50 34.94
CA GLY A 771 -37.50 22.45 35.36
C GLY A 771 -36.20 22.30 34.60
N LEU A 772 -36.25 21.64 33.45
CA LEU A 772 -35.09 21.44 32.61
C LEU A 772 -35.24 22.15 31.28
N SER A 773 -34.12 22.39 30.62
CA SER A 773 -34.08 23.13 29.37
C SER A 773 -33.88 22.15 28.21
N PHE A 774 -34.84 22.11 27.29
CA PHE A 774 -34.80 21.24 26.13
C PHE A 774 -34.56 22.08 24.88
N ALA A 775 -33.57 21.68 24.08
CA ALA A 775 -33.18 22.39 22.87
C ALA A 775 -33.44 21.53 21.64
N VAL A 776 -33.36 22.17 20.48
CA VAL A 776 -33.56 21.45 19.20
C VAL A 776 -32.43 20.45 19.00
N PRO A 777 -32.73 19.18 18.73
CA PRO A 777 -31.65 18.20 18.57
C PRO A 777 -30.79 18.50 17.34
N GLU A 778 -29.53 18.10 17.42
CA GLU A 778 -28.62 18.22 16.29
C GLU A 778 -28.67 17.01 15.39
N LEU A 779 -29.40 15.96 15.78
CA LEU A 779 -29.54 14.74 15.01
C LEU A 779 -31.01 14.34 14.95
N THR A 780 -31.30 13.37 14.10
CA THR A 780 -32.67 12.88 13.91
C THR A 780 -33.01 11.85 14.98
N VAL A 781 -34.02 12.14 15.79
CA VAL A 781 -34.38 11.32 16.95
C VAL A 781 -35.63 10.52 16.63
N VAL A 782 -35.60 9.23 16.95
CA VAL A 782 -36.76 8.35 16.79
C VAL A 782 -37.22 7.92 18.16
N SER A 783 -38.52 8.09 18.43
CA SER A 783 -39.06 7.96 19.76
C SER A 783 -39.44 6.51 20.07
N GLY A 784 -39.04 6.04 21.24
CA GLY A 784 -39.49 4.74 21.73
C GLY A 784 -40.92 4.74 22.21
N LEU A 785 -41.48 5.91 22.51
CA LEU A 785 -42.88 6.04 22.85
C LEU A 785 -43.75 6.10 21.61
N THR A 786 -43.46 7.05 20.71
CA THR A 786 -44.25 7.20 19.50
C THR A 786 -43.99 6.06 18.52
N GLY A 787 -42.76 5.57 18.45
CA GLY A 787 -42.40 4.61 17.44
C GLY A 787 -42.06 5.21 16.10
N ALA A 788 -41.98 6.54 16.01
CA ALA A 788 -41.69 7.23 14.76
C ALA A 788 -40.79 8.42 15.06
N VAL A 789 -40.37 9.12 14.00
CA VAL A 789 -39.55 10.32 14.17
C VAL A 789 -40.35 11.36 14.95
N VAL A 790 -39.82 11.79 16.08
CA VAL A 790 -40.48 12.76 16.95
C VAL A 790 -39.91 14.13 16.68
N SER A 791 -40.78 15.12 16.55
CA SER A 791 -40.34 16.48 16.31
C SER A 791 -40.00 17.18 17.63
N ALA A 792 -39.39 18.36 17.51
CA ALA A 792 -38.93 19.08 18.69
C ALA A 792 -40.08 19.52 19.57
N ASP A 793 -41.14 20.07 18.97
CA ASP A 793 -42.31 20.49 19.72
C ASP A 793 -42.85 19.36 20.58
N GLU A 794 -42.81 18.12 20.06
CA GLU A 794 -43.23 16.97 20.85
C GLU A 794 -42.14 16.55 21.83
N LEU A 795 -40.89 16.45 21.35
CA LEU A 795 -39.80 15.97 22.20
C LEU A 795 -39.48 16.93 23.34
N CYS A 796 -39.79 18.22 23.18
CA CYS A 796 -39.50 19.24 24.19
C CYS A 796 -40.72 19.59 25.02
N SER A 797 -41.58 18.62 25.30
CA SER A 797 -42.73 18.82 26.17
C SER A 797 -42.66 17.86 27.36
N VAL A 798 -43.20 18.30 28.50
CA VAL A 798 -43.22 17.48 29.70
C VAL A 798 -44.09 16.24 29.49
N GLY A 799 -45.18 16.39 28.74
CA GLY A 799 -46.07 15.27 28.51
C GLY A 799 -45.41 14.12 27.79
N TYR A 800 -44.55 14.44 26.80
CA TYR A 800 -43.84 13.39 26.09
C TYR A 800 -43.06 12.50 27.04
N TRP A 801 -42.26 13.11 27.93
CA TRP A 801 -41.40 12.29 28.77
C TRP A 801 -42.17 11.55 29.85
N VAL A 802 -43.25 12.12 30.37
CA VAL A 802 -44.04 11.35 31.33
C VAL A 802 -44.72 10.17 30.65
N ARG A 803 -45.22 10.38 29.43
CA ARG A 803 -45.79 9.27 28.65
C ARG A 803 -44.73 8.25 28.28
N HIS A 804 -43.50 8.69 28.08
CA HIS A 804 -42.40 7.77 27.82
C HIS A 804 -42.11 6.91 29.04
N ALA A 805 -42.15 7.51 30.23
CA ALA A 805 -41.96 6.76 31.46
C ALA A 805 -43.13 5.83 31.77
N ARG A 806 -44.31 6.12 31.22
CA ARG A 806 -45.51 5.33 31.48
C ARG A 806 -45.79 4.26 30.43
N GLU A 807 -45.73 4.62 29.14
CA GLU A 807 -46.27 3.76 28.11
C GLU A 807 -45.22 2.79 27.56
N ALA A 808 -45.65 1.99 26.58
CA ALA A 808 -44.82 0.92 26.05
C ALA A 808 -43.71 1.46 25.15
N VAL A 809 -42.53 0.82 25.25
CA VAL A 809 -41.41 1.13 24.37
C VAL A 809 -41.65 0.40 23.04
N ARG A 810 -41.90 1.17 21.99
CA ARG A 810 -42.16 0.61 20.66
C ARG A 810 -40.85 0.57 19.88
N PHE A 811 -39.95 -0.31 20.35
CA PHE A 811 -38.61 -0.38 19.78
C PHE A 811 -38.63 -0.94 18.36
N ALA A 812 -39.48 -1.93 18.10
CA ALA A 812 -39.60 -2.49 16.76
C ALA A 812 -40.04 -1.43 15.75
N ASP A 813 -41.06 -0.66 16.11
CA ASP A 813 -41.52 0.42 15.24
C ASP A 813 -40.42 1.46 15.05
N ALA A 814 -39.57 1.65 16.06
CA ALA A 814 -38.49 2.61 15.95
C ALA A 814 -37.41 2.12 14.96
N VAL A 815 -37.08 0.84 15.03
CA VAL A 815 -36.15 0.27 14.04
C VAL A 815 -36.73 0.42 12.65
N GLY A 816 -38.04 0.16 12.49
CA GLY A 816 -38.68 0.36 11.20
C GLY A 816 -38.59 1.79 10.71
N ALA A 817 -38.83 2.75 11.61
CA ALA A 817 -38.81 4.16 11.23
C ALA A 817 -37.40 4.61 10.85
N MET A 818 -36.39 4.16 11.60
CA MET A 818 -35.01 4.50 11.25
C MET A 818 -34.62 3.92 9.89
N ALA A 819 -35.04 2.68 9.61
CA ALA A 819 -34.84 2.16 8.27
C ALA A 819 -35.56 3.03 7.23
N GLY A 820 -36.73 3.55 7.58
CA GLY A 820 -37.49 4.35 6.63
C GLY A 820 -36.80 5.66 6.28
N VAL A 821 -36.21 6.33 7.27
CA VAL A 821 -35.58 7.61 6.98
C VAL A 821 -34.28 7.43 6.18
N GLY A 822 -33.68 6.24 6.23
CA GLY A 822 -32.55 5.93 5.37
C GLY A 822 -31.36 5.29 6.06
N VAL A 823 -31.55 4.77 7.27
CA VAL A 823 -30.46 4.14 8.00
C VAL A 823 -30.18 2.76 7.40
N GLY A 824 -28.91 2.47 7.18
CA GLY A 824 -28.50 1.18 6.66
C GLY A 824 -27.55 0.46 7.59
N ARG A 825 -27.08 1.14 8.63
CA ARG A 825 -26.11 0.58 9.57
C ARG A 825 -26.56 0.90 10.98
N PHE A 826 -26.75 -0.13 11.80
CA PHE A 826 -27.30 0.00 13.15
C PHE A 826 -26.24 -0.37 14.18
N VAL A 827 -26.11 0.46 15.22
CA VAL A 827 -25.08 0.27 16.24
C VAL A 827 -25.73 0.25 17.62
N GLU A 828 -25.39 -0.75 18.43
CA GLU A 828 -25.86 -0.84 19.81
C GLU A 828 -24.85 -0.16 20.74
N VAL A 829 -25.22 1.02 21.23
CA VAL A 829 -24.39 1.76 22.18
C VAL A 829 -24.79 1.32 23.58
N GLY A 830 -23.93 0.54 24.22
CA GLY A 830 -24.18 0.04 25.55
C GLY A 830 -23.66 -1.38 25.74
N PRO A 831 -23.81 -1.92 26.95
CA PRO A 831 -23.37 -3.29 27.21
C PRO A 831 -24.41 -4.31 26.77
N GLY A 832 -23.98 -5.56 26.72
CA GLY A 832 -24.83 -6.64 26.22
C GLY A 832 -25.13 -6.51 24.74
N GLY A 833 -25.72 -7.55 24.16
CA GLY A 833 -26.07 -7.52 22.75
C GLY A 833 -27.56 -7.70 22.51
N VAL A 834 -28.37 -7.13 23.41
CA VAL A 834 -29.81 -7.38 23.40
C VAL A 834 -30.47 -6.62 22.25
N LEU A 835 -30.28 -5.30 22.24
CA LEU A 835 -30.92 -4.47 21.23
C LEU A 835 -30.50 -4.87 19.82
N SER A 836 -29.26 -5.36 19.67
CA SER A 836 -28.81 -5.77 18.34
C SER A 836 -29.56 -7.00 17.85
N ALA A 837 -29.77 -7.98 18.73
CA ALA A 837 -30.61 -9.11 18.38
C ALA A 837 -32.02 -8.64 17.99
N LEU A 838 -32.56 -7.68 18.75
CA LEU A 838 -33.89 -7.17 18.40
C LEU A 838 -33.90 -6.53 17.02
N VAL A 839 -32.88 -5.74 16.71
CA VAL A 839 -32.81 -5.07 15.41
C VAL A 839 -32.67 -6.09 14.30
N ARG A 840 -31.86 -7.14 14.51
CA ARG A 840 -31.76 -8.21 13.53
C ARG A 840 -33.11 -8.88 13.31
N GLU A 841 -33.85 -9.12 14.40
CA GLU A 841 -35.20 -9.67 14.27
C GLU A 841 -36.07 -8.77 13.39
N CYS A 842 -35.99 -7.46 13.59
CA CYS A 842 -36.82 -6.54 12.81
C CYS A 842 -36.43 -6.49 11.34
N LEU A 843 -35.21 -6.87 11.00
CA LEU A 843 -34.73 -6.77 9.62
C LEU A 843 -34.68 -8.13 8.93
N SER A 850 -27.37 -4.25 8.10
CA SER A 850 -26.12 -4.47 8.83
C SER A 850 -26.27 -4.04 10.28
N VAL A 851 -26.25 -5.02 11.18
CA VAL A 851 -26.49 -4.80 12.61
C VAL A 851 -25.21 -5.11 13.37
N VAL A 852 -24.72 -4.14 14.13
CA VAL A 852 -23.51 -4.29 14.94
C VAL A 852 -23.81 -3.88 16.38
N ALA A 853 -23.52 -4.79 17.33
CA ALA A 853 -23.53 -4.49 18.75
C ALA A 853 -22.14 -4.00 19.12
N ALA A 854 -22.04 -2.72 19.49
CA ALA A 854 -20.74 -2.10 19.69
C ALA A 854 -19.92 -2.81 20.75
N VAL A 855 -20.34 -2.70 22.00
CA VAL A 855 -19.50 -3.10 23.13
C VAL A 855 -20.30 -3.96 24.10
N ARG A 856 -19.69 -4.24 25.24
CA ARG A 856 -20.28 -5.08 26.27
C ARG A 856 -19.49 -4.88 27.58
N ALA A 860 -12.19 -7.82 28.43
CA ALA A 860 -11.37 -6.61 28.48
C ALA A 860 -11.93 -5.55 27.55
N GLU A 861 -12.40 -4.45 28.13
CA GLU A 861 -13.09 -3.41 27.36
C GLU A 861 -12.19 -2.60 26.43
N PRO A 862 -10.87 -2.50 26.65
CA PRO A 862 -10.01 -2.04 25.55
C PRO A 862 -10.26 -2.84 24.28
N VAL A 863 -10.22 -4.17 24.41
CA VAL A 863 -10.58 -5.05 23.31
C VAL A 863 -12.04 -4.86 22.92
N ALA A 864 -12.94 -4.81 23.92
CA ALA A 864 -14.37 -4.80 23.65
C ALA A 864 -14.81 -3.54 22.91
N LEU A 865 -13.98 -2.50 22.87
CA LEU A 865 -14.32 -1.27 22.17
C LEU A 865 -13.52 -1.04 20.89
N LEU A 866 -12.24 -1.43 20.88
CA LEU A 866 -11.55 -1.50 19.59
C LEU A 866 -12.30 -2.42 18.64
N SER A 867 -12.98 -3.44 19.19
CA SER A 867 -13.87 -4.27 18.38
C SER A 867 -15.03 -3.47 17.83
N ALA A 868 -15.66 -2.63 18.66
CA ALA A 868 -16.78 -1.82 18.20
C ALA A 868 -16.38 -0.96 17.01
N VAL A 869 -15.27 -0.25 17.15
CA VAL A 869 -14.86 0.67 16.08
C VAL A 869 -14.38 -0.11 14.86
N GLY A 870 -13.81 -1.30 15.06
CA GLY A 870 -13.42 -2.11 13.91
C GLY A 870 -14.63 -2.59 13.11
N GLU A 871 -15.67 -3.05 13.80
CA GLU A 871 -16.88 -3.47 13.12
C GLU A 871 -17.55 -2.31 12.41
N LEU A 872 -17.46 -1.11 13.01
CA LEU A 872 -17.95 0.09 12.33
C LEU A 872 -17.15 0.37 11.05
N PHE A 873 -15.83 0.40 11.17
CA PHE A 873 -14.95 0.70 10.05
C PHE A 873 -15.17 -0.29 8.90
N ALA A 874 -15.16 -1.59 9.19
CA ALA A 874 -15.36 -2.57 8.13
C ALA A 874 -16.77 -2.54 7.55
N ASP A 875 -17.75 -2.03 8.31
CA ASP A 875 -19.10 -1.89 7.79
C ASP A 875 -19.20 -0.80 6.72
N GLY A 876 -18.20 0.07 6.59
CA GLY A 876 -18.24 1.13 5.60
C GLY A 876 -18.01 2.48 6.21
N TYR A 877 -17.75 2.50 7.52
CA TYR A 877 -17.65 3.87 8.04
C TYR A 877 -16.20 4.35 7.98
N PRO A 878 -16.02 5.63 7.66
CA PRO A 878 -14.68 6.28 7.63
C PRO A 878 -14.14 6.71 8.99
N VAL A 879 -13.45 5.79 9.66
CA VAL A 879 -12.89 6.05 10.99
C VAL A 879 -11.54 6.73 10.85
N ASP A 880 -11.37 7.86 11.55
CA ASP A 880 -10.10 8.59 11.54
C ASP A 880 -9.12 7.88 12.47
N TRP A 881 -8.57 6.78 11.95
CA TRP A 881 -7.56 6.02 12.69
C TRP A 881 -6.31 6.85 12.99
N THR A 882 -6.01 7.83 12.14
CA THR A 882 -4.86 8.69 12.36
C THR A 882 -4.92 9.31 13.75
N ALA A 883 -6.08 9.89 14.11
CA ALA A 883 -6.24 10.56 15.38
C ALA A 883 -6.06 9.63 16.57
N TYR A 884 -6.16 8.31 16.36
CA TYR A 884 -5.91 7.39 17.46
C TYR A 884 -4.44 7.44 17.88
N PHE A 885 -3.51 7.56 16.93
CA PHE A 885 -2.09 7.54 17.26
C PHE A 885 -1.51 8.90 17.58
N ALA A 886 -2.34 9.91 17.82
CA ALA A 886 -1.81 11.23 18.15
C ALA A 886 -1.11 11.24 19.50
N GLY A 887 -1.40 10.28 20.37
CA GLY A 887 -0.74 10.23 21.66
C GLY A 887 0.70 9.75 21.58
N TRP A 888 0.97 8.73 20.71
CA TRP A 888 2.31 8.21 20.50
C TRP A 888 3.04 9.00 19.42
N PRO A 889 4.37 9.11 19.50
CA PRO A 889 5.13 9.81 18.44
C PRO A 889 5.47 8.87 17.27
N ALA A 890 4.44 8.28 16.68
CA ALA A 890 4.66 7.33 15.60
C ALA A 890 5.20 8.02 14.35
N ALA A 891 5.93 7.26 13.55
CA ALA A 891 6.50 7.75 12.31
C ALA A 891 6.18 6.78 11.18
N ARG A 892 6.27 7.28 9.95
CA ARG A 892 6.00 6.46 8.78
C ARG A 892 7.16 5.53 8.48
N VAL A 893 6.83 4.26 8.21
CA VAL A 893 7.82 3.24 7.93
C VAL A 893 7.33 2.40 6.75
N GLU A 894 8.29 1.88 5.98
CA GLU A 894 7.96 1.06 4.83
C GLU A 894 7.20 -0.19 5.26
N LEU A 895 6.31 -0.64 4.39
CA LEU A 895 5.42 -1.77 4.66
C LEU A 895 5.31 -2.62 3.40
N PRO A 896 4.96 -3.90 3.56
CA PRO A 896 4.74 -4.73 2.38
C PRO A 896 3.57 -4.22 1.55
N THR A 897 3.67 -4.40 0.24
CA THR A 897 2.71 -3.88 -0.72
C THR A 897 1.51 -4.81 -0.86
N TYR A 898 0.60 -4.42 -1.74
CA TYR A 898 -0.62 -5.20 -1.94
C TYR A 898 -0.29 -6.60 -2.42
N ALA A 899 -1.01 -7.58 -1.88
CA ALA A 899 -0.89 -8.97 -2.31
C ALA A 899 -1.83 -9.16 -3.49
N PHE A 900 -1.28 -9.16 -4.70
CA PHE A 900 -2.10 -9.21 -5.90
C PHE A 900 -2.68 -10.61 -6.11
N GLN A 901 -3.94 -10.66 -6.53
CA GLN A 901 -4.65 -11.92 -6.78
C GLN A 901 -4.36 -12.36 -8.21
N ARG A 902 -3.21 -12.99 -8.40
CA ARG A 902 -2.69 -13.22 -9.75
C ARG A 902 -3.30 -14.47 -10.37
N SER A 903 -3.68 -14.34 -11.64
CA SER A 903 -4.15 -15.45 -12.46
C SER A 903 -3.50 -15.34 -13.83
N ARG A 904 -3.46 -16.46 -14.54
CA ARG A 904 -2.74 -16.53 -15.81
C ARG A 904 -3.54 -15.87 -16.93
N HIS A 905 -2.82 -15.19 -17.82
CA HIS A 905 -3.41 -14.53 -18.98
C HIS A 905 -2.38 -14.60 -20.10
N TRP A 906 -2.77 -15.20 -21.23
CA TRP A 906 -1.83 -15.44 -22.32
C TRP A 906 -2.61 -15.70 -23.61
N LEU A 907 -1.87 -15.95 -24.68
CA LEU A 907 -2.43 -16.18 -25.99
C LEU A 907 -2.44 -17.67 -26.33
N GLU A 908 -2.95 -17.99 -27.51
CA GLU A 908 -2.98 -19.35 -28.02
C GLU A 908 -3.30 -19.37 -29.52
N ASP B 15 46.06 -11.45 -60.34
CA ASP B 15 45.33 -12.18 -59.32
C ASP B 15 45.25 -11.48 -57.95
N PRO B 16 46.35 -10.94 -57.43
CA PRO B 16 46.28 -10.24 -56.13
C PRO B 16 45.42 -8.98 -56.14
N VAL B 17 44.75 -8.66 -57.25
CA VAL B 17 43.96 -7.43 -57.34
C VAL B 17 42.51 -7.77 -57.63
N GLU B 18 42.26 -8.46 -58.75
CA GLU B 18 40.88 -8.74 -59.14
C GLU B 18 40.20 -9.69 -58.16
N THR B 19 40.97 -10.55 -57.48
CA THR B 19 40.40 -11.40 -56.45
C THR B 19 39.95 -10.59 -55.23
N VAL B 20 40.64 -9.49 -54.94
CA VAL B 20 40.15 -8.57 -53.92
C VAL B 20 38.89 -7.85 -54.41
N ARG B 21 38.85 -7.47 -55.69
CA ARG B 21 37.64 -6.88 -56.24
C ARG B 21 36.47 -7.85 -56.18
N GLN B 22 36.75 -9.16 -56.22
CA GLN B 22 35.70 -10.17 -56.19
C GLN B 22 35.40 -10.68 -54.79
N LEU B 23 36.19 -10.30 -53.78
CA LEU B 23 35.87 -10.69 -52.40
C LEU B 23 35.36 -9.55 -51.52
N THR B 24 35.94 -8.36 -51.64
CA THR B 24 35.47 -7.25 -50.82
C THR B 24 33.99 -6.96 -51.09
N ALA B 25 33.53 -7.24 -52.31
CA ALA B 25 32.10 -7.15 -52.60
C ALA B 25 31.33 -8.31 -52.00
N HIS B 26 31.91 -9.52 -52.00
CA HIS B 26 31.23 -10.65 -51.37
C HIS B 26 30.92 -10.36 -49.92
N VAL B 27 31.74 -9.56 -49.25
CA VAL B 27 31.36 -9.16 -47.90
C VAL B 27 30.52 -7.89 -47.89
N LEU B 28 30.85 -6.91 -48.74
CA LEU B 28 30.10 -5.66 -48.77
C LEU B 28 28.69 -5.86 -49.30
N GLY B 29 28.53 -6.71 -50.33
CA GLY B 29 27.24 -6.95 -50.93
C GLY B 29 27.05 -6.34 -52.30
N LEU B 30 28.06 -5.68 -52.86
CA LEU B 30 27.94 -5.13 -54.20
C LEU B 30 27.98 -6.24 -55.23
N THR B 31 27.23 -6.07 -56.32
CA THR B 31 27.13 -7.13 -57.33
C THR B 31 28.28 -7.07 -58.32
N ALA B 32 28.46 -5.93 -58.99
CA ALA B 32 29.58 -5.80 -59.90
C ALA B 32 30.89 -5.80 -59.12
N ALA B 33 31.79 -6.70 -59.50
CA ALA B 33 33.10 -6.77 -58.87
C ALA B 33 33.85 -5.45 -58.99
N ALA B 34 33.66 -4.73 -60.11
CA ALA B 34 34.32 -3.46 -60.34
C ALA B 34 33.71 -2.30 -59.56
N ASP B 35 32.58 -2.53 -58.88
CA ASP B 35 31.93 -1.47 -58.11
C ASP B 35 32.68 -1.11 -56.85
N VAL B 36 33.80 -1.76 -56.55
CA VAL B 36 34.54 -1.50 -55.32
C VAL B 36 35.43 -0.29 -55.55
N GLU B 37 35.17 0.80 -54.83
CA GLU B 37 36.06 1.96 -54.83
C GLU B 37 37.28 1.59 -54.00
N MET B 38 38.15 0.78 -54.60
CA MET B 38 39.29 0.17 -53.90
C MET B 38 40.30 1.15 -53.40
N THR B 39 40.07 2.46 -53.54
CA THR B 39 41.00 3.47 -53.06
C THR B 39 40.51 4.17 -51.80
N ARG B 40 39.29 3.93 -51.37
CA ARG B 40 38.67 4.63 -50.25
C ARG B 40 38.75 3.78 -48.99
N SER B 41 38.77 4.48 -47.84
CA SER B 41 38.97 3.81 -46.56
C SER B 41 37.90 2.74 -46.33
N PHE B 42 38.26 1.76 -45.49
CA PHE B 42 37.34 0.67 -45.20
C PHE B 42 36.10 1.18 -44.48
N LYS B 43 36.29 1.99 -43.44
CA LYS B 43 35.14 2.60 -42.76
C LYS B 43 34.34 3.46 -43.72
N ASP B 44 35.01 4.13 -44.65
CA ASP B 44 34.31 4.92 -45.66
C ASP B 44 33.59 4.01 -46.65
N LEU B 45 34.11 2.82 -46.90
CA LEU B 45 33.39 1.85 -47.71
C LEU B 45 32.26 1.18 -46.93
N GLY B 46 32.27 1.27 -45.60
CA GLY B 46 31.20 0.72 -44.78
C GLY B 46 31.48 -0.65 -44.22
N PHE B 47 32.63 -0.84 -43.58
CA PHE B 47 33.03 -2.14 -43.08
C PHE B 47 32.81 -2.20 -41.57
N ASP B 48 32.08 -3.20 -41.13
CA ASP B 48 31.78 -3.42 -39.73
C ASP B 48 32.89 -4.24 -39.08
N SER B 49 32.79 -4.42 -37.76
CA SER B 49 33.71 -5.32 -37.06
C SER B 49 33.67 -6.70 -37.68
N LEU B 50 32.49 -7.33 -37.67
CA LEU B 50 32.33 -8.63 -38.31
C LEU B 50 32.69 -8.59 -39.78
N MET B 51 32.29 -7.54 -40.51
CA MET B 51 32.56 -7.50 -41.94
C MET B 51 34.05 -7.30 -42.21
N SER B 52 34.74 -6.53 -41.38
CA SER B 52 36.19 -6.45 -41.50
C SER B 52 36.82 -7.82 -41.27
N VAL B 53 36.48 -8.46 -40.15
CA VAL B 53 37.17 -9.71 -39.82
C VAL B 53 36.64 -10.89 -40.61
N GLU B 54 35.52 -10.74 -41.32
CA GLU B 54 35.09 -11.77 -42.25
C GLU B 54 36.04 -11.86 -43.44
N LEU B 55 36.62 -10.73 -43.84
CA LEU B 55 37.69 -10.74 -44.82
C LEU B 55 38.86 -11.59 -44.35
N ARG B 56 39.33 -11.36 -43.13
CA ARG B 56 40.47 -12.11 -42.61
C ARG B 56 40.14 -13.58 -42.43
N ASP B 57 38.90 -13.90 -42.07
CA ASP B 57 38.53 -15.29 -41.83
C ASP B 57 38.17 -16.05 -43.10
N ARG B 58 37.92 -15.35 -44.21
CA ARG B 58 37.77 -16.01 -45.51
C ARG B 58 38.98 -15.81 -46.39
N LEU B 59 39.95 -15.01 -45.98
CA LEU B 59 41.10 -14.72 -46.80
C LEU B 59 42.10 -15.86 -46.78
N CYS B 60 42.39 -16.38 -45.59
CA CYS B 60 43.27 -17.54 -45.45
C CYS B 60 42.53 -18.85 -45.64
N ALA B 61 41.40 -18.83 -46.36
CA ALA B 61 40.63 -20.05 -46.59
C ALA B 61 41.26 -20.92 -47.66
N ALA B 62 42.05 -20.33 -48.55
CA ALA B 62 42.73 -21.08 -49.60
C ALA B 62 43.86 -20.25 -50.18
N LEU B 65 48.29 -19.41 -45.91
CA LEU B 65 48.87 -18.15 -45.45
C LEU B 65 48.18 -17.70 -44.17
N SER B 66 48.76 -16.70 -43.51
CA SER B 66 48.20 -16.16 -42.29
C SER B 66 48.00 -14.65 -42.39
N THR B 69 46.42 -10.38 -37.62
CA THR B 69 45.19 -10.37 -36.84
C THR B 69 44.32 -9.17 -37.20
N THR B 70 44.86 -7.98 -36.92
CA THR B 70 44.20 -6.71 -37.24
C THR B 70 44.61 -6.20 -38.61
N LEU B 71 44.73 -7.11 -39.59
CA LEU B 71 45.27 -6.76 -40.91
C LEU B 71 44.53 -5.60 -41.54
N LEU B 72 43.21 -5.58 -41.41
CA LEU B 72 42.37 -4.64 -42.14
C LEU B 72 42.17 -3.31 -41.41
N TYR B 73 42.45 -3.24 -40.12
CA TYR B 73 42.64 -1.94 -39.49
C TYR B 73 44.07 -1.45 -39.65
N ASP B 74 45.02 -2.35 -39.91
CA ASP B 74 46.38 -1.93 -40.23
C ASP B 74 46.46 -1.29 -41.60
N HIS B 75 45.53 -1.62 -42.50
CA HIS B 75 45.52 -1.10 -43.87
C HIS B 75 44.10 -0.70 -44.24
N PRO B 76 43.67 0.49 -43.83
CA PRO B 76 42.31 0.92 -44.16
C PRO B 76 42.16 1.32 -45.63
N SER B 77 42.33 0.36 -46.53
CA SER B 77 42.03 0.53 -47.94
C SER B 77 42.07 -0.85 -48.60
N PRO B 78 41.07 -1.19 -49.42
CA PRO B 78 41.10 -2.51 -50.07
C PRO B 78 42.35 -2.73 -50.88
N ALA B 79 42.75 -1.74 -51.68
CA ALA B 79 43.98 -1.83 -52.47
C ALA B 79 45.21 -1.91 -51.57
N GLU B 80 45.31 -1.01 -50.59
CA GLU B 80 46.48 -0.97 -49.72
C GLU B 80 46.55 -2.16 -48.78
N THR B 81 45.46 -2.91 -48.61
CA THR B 81 45.56 -4.22 -47.99
C THR B 81 45.94 -5.28 -49.02
N ALA B 82 45.44 -5.15 -50.25
CA ALA B 82 45.79 -6.08 -51.31
C ALA B 82 47.27 -6.02 -51.65
N GLU B 83 47.98 -4.97 -51.22
CA GLU B 83 49.43 -4.93 -51.36
C GLU B 83 50.10 -6.14 -50.75
N PHE B 84 49.41 -6.85 -49.85
CA PHE B 84 50.01 -7.89 -49.04
C PHE B 84 49.59 -9.26 -49.57
N VAL B 85 50.14 -9.60 -50.73
CA VAL B 85 49.95 -10.90 -51.37
C VAL B 85 51.30 -11.46 -51.82
N ARG B 86 51.85 -10.88 -52.89
CA ARG B 86 53.11 -11.32 -53.46
C ARG B 86 54.31 -10.57 -52.90
N ALA B 87 54.10 -9.69 -51.92
CA ALA B 87 55.18 -8.83 -51.42
C ALA B 87 56.32 -9.64 -50.84
N ARG B 88 56.03 -10.50 -49.86
CA ARG B 88 57.04 -11.31 -49.17
C ARG B 88 56.80 -12.78 -49.48
N LEU B 89 57.45 -13.27 -50.53
CA LEU B 89 57.49 -14.71 -50.83
C LEU B 89 58.89 -15.17 -51.18
OAG 9EF C . 34.39 -4.35 -33.08
PAW 9EF C . 32.98 -4.62 -33.52
OAH 9EF C . 32.18 -3.34 -33.43
OAR 9EF C . 32.31 -5.65 -32.49
CAN 9EF C . 30.88 -5.67 -32.44
CAX 9EF C . 30.36 -5.67 -31.02
CAB 9EF C . 30.01 -7.11 -30.65
CAC 9EF C . 29.14 -4.76 -30.91
CAV 9EF C . 31.34 -5.01 -30.06
OAI 9EF C . 31.58 -3.70 -30.55
CAU 9EF C . 30.70 -4.84 -28.70
OAF 9EF C . 30.22 -5.77 -28.09
NAQ 9EF C . 30.75 -3.60 -28.23
CAL 9EF C . 30.24 -3.09 -26.98
CAM 9EF C . 28.78 -3.53 -26.88
CAT 9EF C . 28.29 -3.43 -25.46
OAE 9EF C . 29.00 -2.98 -24.57
NAP 9EF C . 27.04 -3.85 -25.27
CAK 9EF C . 26.30 -3.85 -24.03
CAJ 9EF C . 25.63 -2.49 -24.06
NAO 9EF C . 24.39 -2.54 -24.83
CAS 9EF C . 23.90 -3.37 -25.77
OAD 9EF C . 24.46 -4.35 -26.20
CAA 9EF C . 22.55 -2.97 -26.26
#